data_7YXM
#
_entry.id   7YXM
#
_cell.length_a   117.340
_cell.length_b   117.340
_cell.length_c   228.000
_cell.angle_alpha   90.000
_cell.angle_beta   90.000
_cell.angle_gamma   90.000
#
_symmetry.space_group_name_H-M   'P 43 21 2'
#
loop_
_entity.id
_entity.type
_entity.pdbx_description
1 polymer 'Benzoylsuccinyl-CoA thiolase subunit'
2 polymer 'Benzoylsuccinyl-CoA thiolase subunit'
3 non-polymer 'ZINC ION'
4 non-polymer 3,6,9,12,15,18,21-HEPTAOXATRICOSANE-1,23-DIOL
5 non-polymer 'PHOSPHATE ION'
6 non-polymer 'MAGNESIUM ION'
7 non-polymer 'COENZYME A'
8 non-polymer 'CHLORIDE ION'
9 non-polymer '4-(2-HYDROXYETHYL)-1-PIPERAZINE ETHANESULFONIC ACID'
10 water water
#
loop_
_entity_poly.entity_id
_entity_poly.type
_entity_poly.pdbx_seq_one_letter_code
_entity_poly.pdbx_strand_id
1 'polypeptide(L)'
;MAKEEVKQKKTKEKEPDITFFHPDILEVPKDGGLPYLKGYRCKKCGQLDFKTEMCTNCWSEEFEMVPLSRRGKVYSFSDI
YIGQQGLATPYIFAYVDLPENLRVFAQLEGEVDTYRCDEEVELTLGPIRMNNDNLPIISYKFKKIA
;
A,C
2 'polypeptide(L)'
;MKLQREVYIAGVGETKFGKHTVDFDVLGREAALQAMNGSNIDRPDMIQSAYVGNGMNDMTTGQAVFRGLGMCGPNLPIIN
VQSACSAGAMAVFCAIKDVATGVTDLSIGVGTENHTMHRQSGAAFSAARSDIETMHGAVMTGKYAMRATRYMHETGATIE
DLAMITVKNRKHATHNPYAWFKGAITVEEVVNSRMVAYPMTLQQCCGIADGAAAVVVGSKEMMKKLGIAKPVKVAGVVVE
SGPYHNRPRDITGDDITETTSEKLYEESGIGPKEVNILELHDAFTIAELLYYECMGLCKKGDGLKFLRDGQSTYGGQCVV
SPRGGLLSYGHPIGASGAAQIAQNVKQLRGECGGYQVGPTPKVAMSHVTGGGLSGTEHAACTMHMLVKGWGS
;
B,D
#
loop_
_chem_comp.id
_chem_comp.type
_chem_comp.name
_chem_comp.formula
CL non-polymer 'CHLORIDE ION' 'Cl -1'
COA non-polymer 'COENZYME A' 'C21 H36 N7 O16 P3 S'
EPE non-polymer '4-(2-HYDROXYETHYL)-1-PIPERAZINE ETHANESULFONIC ACID' 'C8 H18 N2 O4 S'
MG non-polymer 'MAGNESIUM ION' 'Mg 2'
PE8 non-polymer 3,6,9,12,15,18,21-HEPTAOXATRICOSANE-1,23-DIOL 'C16 H34 O9'
PO4 non-polymer 'PHOSPHATE ION' 'O4 P -3'
ZN non-polymer 'ZINC ION' 'Zn 2'
#
# COMPACT_ATOMS: atom_id res chain seq x y z
N GLU A 13 -8.85 14.03 26.34
CA GLU A 13 -7.90 13.59 27.35
C GLU A 13 -7.66 14.72 28.35
N LYS A 14 -7.66 14.40 29.65
CA LYS A 14 -7.41 15.45 30.63
C LYS A 14 -5.93 15.70 30.87
N GLU A 15 -5.04 14.90 30.25
CA GLU A 15 -3.66 15.32 30.03
C GLU A 15 -3.61 16.22 28.79
N PRO A 16 -3.14 17.46 28.90
CA PRO A 16 -3.37 18.42 27.80
C PRO A 16 -2.58 18.14 26.54
N ASP A 17 -3.20 18.49 25.40
CA ASP A 17 -2.51 18.58 24.12
C ASP A 17 -1.55 19.77 24.14
N ILE A 18 -0.68 19.84 23.12
CA ILE A 18 0.33 20.88 23.12
C ILE A 18 -0.32 22.26 22.96
N THR A 19 0.35 23.29 23.48
CA THR A 19 -0.04 24.67 23.26
C THR A 19 1.08 25.47 22.60
N PHE A 20 2.19 24.85 22.26
CA PHE A 20 3.32 25.55 21.67
C PHE A 20 3.98 24.64 20.65
N PHE A 21 4.49 25.23 19.56
CA PHE A 21 5.27 24.49 18.56
C PHE A 21 6.44 25.39 18.17
N HIS A 22 7.71 24.98 18.35
CA HIS A 22 8.22 23.70 18.91
C HIS A 22 9.51 24.09 19.66
N PRO A 23 9.78 23.55 20.85
CA PRO A 23 10.92 24.05 21.63
C PRO A 23 12.27 23.92 20.93
N ASP A 24 12.41 23.04 19.94
CA ASP A 24 13.71 22.84 19.30
C ASP A 24 13.88 23.68 18.05
N ILE A 25 12.83 24.41 17.65
CA ILE A 25 12.86 25.28 16.50
C ILE A 25 12.69 26.73 16.89
N LEU A 26 11.77 27.03 17.81
CA LEU A 26 11.50 28.40 18.22
C LEU A 26 11.90 28.58 19.67
N GLU A 27 12.96 29.36 19.88
CA GLU A 27 13.51 29.58 21.20
C GLU A 27 12.82 30.80 21.82
N VAL A 28 12.17 30.61 22.97
CA VAL A 28 11.49 31.65 23.73
C VAL A 28 12.28 31.84 25.02
N PRO A 29 13.21 32.81 25.12
CA PRO A 29 14.07 32.88 26.30
C PRO A 29 13.27 33.09 27.57
N LYS A 30 13.69 32.43 28.64
CA LYS A 30 12.91 32.50 29.87
C LYS A 30 13.02 33.85 30.55
N ASP A 31 14.04 34.64 30.23
CA ASP A 31 14.20 35.97 30.82
C ASP A 31 13.44 37.05 30.08
N GLY A 32 12.64 36.66 29.09
CA GLY A 32 11.83 37.58 28.32
C GLY A 32 12.47 38.14 27.07
N GLY A 33 13.69 37.73 26.75
CA GLY A 33 14.33 38.17 25.52
C GLY A 33 13.51 37.81 24.30
N LEU A 34 13.81 38.51 23.21
CA LEU A 34 13.06 38.34 21.96
C LEU A 34 13.21 36.91 21.44
N PRO A 35 12.12 36.24 21.08
CA PRO A 35 12.26 34.88 20.55
C PRO A 35 13.00 34.87 19.23
N TYR A 36 13.56 33.71 18.92
CA TYR A 36 14.24 33.52 17.64
C TYR A 36 14.15 32.08 17.20
N LEU A 37 14.16 31.90 15.89
CA LEU A 37 14.31 30.57 15.34
C LEU A 37 15.75 30.10 15.51
N LYS A 38 15.93 28.80 15.66
CA LYS A 38 17.28 28.25 15.76
C LYS A 38 17.45 27.04 14.85
N GLY A 39 18.67 26.90 14.32
CA GLY A 39 19.08 25.71 13.63
C GLY A 39 20.19 24.99 14.37
N TYR A 40 20.63 23.90 13.77
CA TYR A 40 21.70 23.11 14.35
C TYR A 40 22.65 22.71 13.23
N ARG A 41 23.93 23.04 13.40
CA ARG A 41 24.96 22.76 12.40
C ARG A 41 25.73 21.50 12.76
N CYS A 42 25.79 20.57 11.80
CA CYS A 42 26.61 19.37 11.95
C CYS A 42 28.07 19.72 12.13
N LYS A 43 28.66 19.22 13.23
CA LYS A 43 30.06 19.51 13.52
C LYS A 43 31.03 18.73 12.65
N LYS A 44 30.55 17.71 11.94
CA LYS A 44 31.42 16.92 11.09
C LYS A 44 31.47 17.45 9.66
N CYS A 45 30.33 17.74 9.07
CA CYS A 45 30.27 18.13 7.66
C CYS A 45 29.83 19.56 7.46
N GLY A 46 29.33 20.20 8.50
CA GLY A 46 29.00 21.60 8.40
C GLY A 46 27.60 21.88 7.90
N GLN A 47 26.78 20.84 7.63
CA GLN A 47 25.42 21.10 7.14
C GLN A 47 24.57 21.80 8.19
N LEU A 48 23.95 22.93 7.82
CA LEU A 48 22.95 23.55 8.71
C LEU A 48 21.55 23.00 8.44
N ASP A 49 20.78 22.76 9.50
CA ASP A 49 19.42 22.23 9.35
C ASP A 49 18.63 22.55 10.62
N PHE A 50 17.32 22.43 10.52
CA PHE A 50 16.58 22.43 11.77
C PHE A 50 16.93 21.16 12.56
N LYS A 51 16.52 21.15 13.81
CA LYS A 51 16.92 20.09 14.72
C LYS A 51 16.52 18.71 14.18
N THR A 52 17.49 17.80 14.16
N THR A 52 17.50 17.81 14.15
CA THR A 52 17.27 16.44 13.72
CA THR A 52 17.32 16.43 13.69
C THR A 52 18.14 15.51 14.56
C THR A 52 18.12 15.53 14.61
N GLU A 53 17.73 14.24 14.66
CA GLU A 53 18.51 13.32 15.50
C GLU A 53 19.87 13.02 14.87
N MET A 54 19.92 12.97 13.55
CA MET A 54 21.22 12.73 12.92
C MET A 54 21.31 13.56 11.64
N CYS A 55 22.49 14.02 11.30
CA CYS A 55 22.70 14.79 10.08
C CYS A 55 22.27 13.99 8.85
N THR A 56 21.42 14.58 8.02
CA THR A 56 20.92 13.82 6.88
C THR A 56 21.97 13.72 5.78
N ASN A 57 23.04 14.49 5.87
CA ASN A 57 24.11 14.38 4.90
C ASN A 57 25.16 13.34 5.29
N CYS A 58 25.59 13.30 6.57
CA CYS A 58 26.76 12.50 6.94
C CYS A 58 26.50 11.57 8.12
N TRP A 59 25.30 11.64 8.73
CA TRP A 59 24.78 10.81 9.81
C TRP A 59 25.47 11.08 11.15
N SER A 60 26.30 12.10 11.22
CA SER A 60 26.79 12.54 12.51
C SER A 60 25.65 12.95 13.44
N GLU A 61 25.87 12.78 14.73
CA GLU A 61 24.92 13.20 15.74
C GLU A 61 25.47 14.34 16.59
N GLU A 62 26.53 14.97 16.15
CA GLU A 62 27.19 16.01 16.93
C GLU A 62 26.90 17.37 16.30
N PHE A 63 26.26 18.26 17.05
CA PHE A 63 25.80 19.54 16.50
C PHE A 63 26.18 20.73 17.37
N GLU A 64 26.12 21.92 16.74
CA GLU A 64 26.14 23.18 17.44
C GLU A 64 24.88 23.97 17.12
N MET A 65 24.32 24.58 18.16
CA MET A 65 23.13 25.39 18.03
C MET A 65 23.49 26.72 17.40
N VAL A 66 22.72 27.09 16.38
CA VAL A 66 22.90 28.32 15.62
C VAL A 66 21.65 29.17 15.71
N PRO A 67 21.66 30.26 16.46
CA PRO A 67 20.52 31.20 16.35
C PRO A 67 20.38 31.73 14.93
N LEU A 68 19.13 31.82 14.45
CA LEU A 68 18.84 32.26 13.10
C LEU A 68 18.31 33.69 13.06
N SER A 69 18.50 34.33 11.91
CA SER A 69 18.01 35.67 11.69
C SER A 69 16.50 35.78 11.88
N ARG A 70 16.06 36.88 12.51
CA ARG A 70 14.63 37.13 12.64
C ARG A 70 14.03 37.77 11.39
N ARG A 71 14.85 38.34 10.52
CA ARG A 71 14.42 38.85 9.22
C ARG A 71 14.54 37.76 8.14
N GLY A 72 13.47 37.58 7.38
CA GLY A 72 13.53 36.73 6.22
C GLY A 72 12.91 37.35 4.98
N LYS A 73 12.69 36.53 3.94
CA LYS A 73 12.17 37.06 2.68
C LYS A 73 11.17 36.06 2.13
N VAL A 74 9.98 36.56 1.79
CA VAL A 74 8.94 35.72 1.20
C VAL A 74 9.43 35.23 -0.16
N TYR A 75 9.65 33.93 -0.31
CA TYR A 75 10.02 33.40 -1.61
C TYR A 75 8.77 33.19 -2.46
N SER A 76 7.74 32.62 -1.84
CA SER A 76 6.42 32.55 -2.43
C SER A 76 5.39 32.37 -1.32
N PHE A 77 4.12 32.51 -1.69
CA PHE A 77 3.06 32.50 -0.70
C PHE A 77 1.77 32.20 -1.46
N SER A 78 0.73 31.89 -0.70
CA SER A 78 -0.59 31.77 -1.28
C SER A 78 -1.65 32.17 -0.24
N ASP A 79 -2.66 32.90 -0.72
CA ASP A 79 -3.87 33.21 0.03
C ASP A 79 -4.81 32.01 0.01
N ILE A 80 -5.07 31.43 1.17
CA ILE A 80 -5.83 30.20 1.30
C ILE A 80 -7.29 30.51 1.61
N TYR A 81 -8.19 30.12 0.70
CA TYR A 81 -9.62 30.35 0.89
C TYR A 81 -10.35 29.10 1.30
N ILE A 82 -9.84 27.94 0.89
CA ILE A 82 -10.34 26.65 1.31
C ILE A 82 -9.12 25.90 1.83
N GLY A 83 -9.04 25.76 3.15
CA GLY A 83 -7.85 25.21 3.75
C GLY A 83 -8.14 24.03 4.64
N GLN A 84 -7.31 23.88 5.67
CA GLN A 84 -7.44 22.74 6.55
C GLN A 84 -8.68 22.88 7.41
N GLN A 85 -9.29 21.74 7.74
CA GLN A 85 -10.42 21.73 8.64
C GLN A 85 -10.02 22.38 9.96
N GLY A 86 -10.87 23.28 10.44
CA GLY A 86 -10.71 23.84 11.76
C GLY A 86 -9.91 25.12 11.82
N LEU A 87 -9.32 25.54 10.71
CA LEU A 87 -8.61 26.82 10.68
C LEU A 87 -9.49 27.88 10.03
N ALA A 88 -9.47 29.06 10.62
CA ALA A 88 -10.26 30.17 10.10
C ALA A 88 -9.71 30.63 8.76
N THR A 89 -10.61 30.76 7.78
CA THR A 89 -10.24 31.20 6.44
C THR A 89 -10.78 32.60 6.17
N PRO A 90 -10.11 33.38 5.32
CA PRO A 90 -8.86 33.01 4.68
C PRO A 90 -7.68 33.12 5.65
N TYR A 91 -6.64 32.35 5.36
CA TYR A 91 -5.33 32.52 5.96
C TYR A 91 -4.29 32.49 4.85
N ILE A 92 -3.02 32.70 5.22
CA ILE A 92 -1.94 32.88 4.27
C ILE A 92 -0.75 32.05 4.75
N PHE A 93 -0.12 31.30 3.84
CA PHE A 93 1.16 30.69 4.20
C PHE A 93 2.18 30.91 3.08
N ALA A 94 3.45 30.64 3.41
CA ALA A 94 4.53 31.05 2.54
C ALA A 94 5.77 30.21 2.81
N TYR A 95 6.68 30.20 1.84
CA TYR A 95 8.05 29.81 2.04
C TYR A 95 8.82 31.08 2.38
N VAL A 96 9.46 31.12 3.55
CA VAL A 96 10.24 32.29 3.99
C VAL A 96 11.69 31.85 4.04
N ASP A 97 12.55 32.50 3.25
CA ASP A 97 13.95 32.14 3.21
C ASP A 97 14.71 33.03 4.18
N LEU A 98 15.62 32.42 4.98
CA LEU A 98 16.51 33.09 5.90
C LEU A 98 17.88 33.24 5.27
N PRO A 99 18.66 34.24 5.71
CA PRO A 99 19.98 34.46 5.11
C PRO A 99 20.98 33.37 5.40
N GLU A 100 20.73 32.53 6.39
CA GLU A 100 21.57 31.37 6.62
C GLU A 100 21.34 30.29 5.56
N ASN A 101 20.47 30.52 4.57
CA ASN A 101 20.13 29.60 3.46
C ASN A 101 19.32 28.42 4.00
N LEU A 102 18.31 28.70 4.84
CA LEU A 102 17.33 27.73 5.30
C LEU A 102 15.98 28.29 4.91
N ARG A 103 15.07 27.41 4.50
CA ARG A 103 13.72 27.76 4.15
C ARG A 103 12.76 27.28 5.22
N VAL A 104 11.93 28.21 5.69
CA VAL A 104 10.89 27.95 6.71
C VAL A 104 9.52 28.12 6.11
N PHE A 105 8.64 27.11 6.29
CA PHE A 105 7.22 27.22 5.95
C PHE A 105 6.44 27.84 7.12
N ALA A 106 5.71 28.91 6.84
CA ALA A 106 5.01 29.57 7.92
C ALA A 106 3.81 30.33 7.42
N GLN A 107 2.89 30.54 8.33
CA GLN A 107 1.78 31.45 8.08
C GLN A 107 2.31 32.87 8.04
N LEU A 108 1.67 33.70 7.22
CA LEU A 108 1.92 35.14 7.22
C LEU A 108 0.75 35.86 7.86
N GLU A 109 1.06 36.81 8.73
CA GLU A 109 0.04 37.67 9.31
C GLU A 109 -0.36 38.72 8.30
N GLY A 110 -1.66 39.02 8.25
CA GLY A 110 -2.12 40.13 7.44
C GLY A 110 -3.32 39.75 6.61
N GLU A 111 -3.58 40.55 5.57
CA GLU A 111 -4.76 40.39 4.73
C GLU A 111 -4.42 39.74 3.39
N VAL A 112 -5.42 39.08 2.82
CA VAL A 112 -5.24 38.56 1.47
C VAL A 112 -5.02 39.72 0.50
N ASP A 113 -4.37 39.41 -0.61
CA ASP A 113 -4.11 40.35 -1.69
C ASP A 113 -3.18 41.48 -1.26
N THR A 114 -2.26 41.22 -0.31
CA THR A 114 -1.28 42.25 0.07
C THR A 114 0.19 41.82 0.03
N TYR A 115 0.50 40.53 -0.01
CA TYR A 115 1.88 40.09 -0.07
C TYR A 115 2.35 39.98 -1.53
N ARG A 116 3.67 40.04 -1.69
CA ARG A 116 4.31 39.83 -2.98
C ARG A 116 5.55 38.97 -2.77
N CYS A 117 5.95 38.28 -3.83
CA CYS A 117 7.19 37.53 -3.79
C CYS A 117 8.36 38.47 -3.53
N ASP A 118 9.33 37.96 -2.78
CA ASP A 118 10.58 38.64 -2.46
C ASP A 118 10.40 39.78 -1.45
N GLU A 119 9.23 39.89 -0.84
CA GLU A 119 8.97 40.87 0.21
C GLU A 119 9.71 40.50 1.49
N GLU A 120 10.25 41.51 2.17
CA GLU A 120 10.93 41.26 3.43
C GLU A 120 9.92 41.12 4.56
N VAL A 121 10.18 40.18 5.48
CA VAL A 121 9.24 39.89 6.55
C VAL A 121 10.04 39.58 7.82
N GLU A 122 9.37 39.68 8.97
CA GLU A 122 10.01 39.56 10.27
C GLU A 122 9.24 38.55 11.11
N LEU A 123 9.99 37.82 11.94
CA LEU A 123 9.43 36.78 12.80
C LEU A 123 8.48 37.37 13.83
N THR A 124 7.42 36.64 14.13
CA THR A 124 6.49 37.06 15.18
C THR A 124 5.84 35.77 15.67
N LEU A 125 5.14 35.87 16.79
CA LEU A 125 4.48 34.72 17.38
C LEU A 125 2.96 34.91 17.37
N GLY A 126 2.24 33.81 17.14
CA GLY A 126 0.80 33.86 17.16
C GLY A 126 0.17 32.49 17.04
N PRO A 127 -1.16 32.42 17.16
CA PRO A 127 -1.83 31.11 17.07
C PRO A 127 -1.86 30.62 15.65
N ILE A 128 -1.37 29.39 15.43
CA ILE A 128 -1.40 28.78 14.10
C ILE A 128 -2.57 27.81 13.91
N ARG A 129 -3.18 27.33 14.99
CA ARG A 129 -4.31 26.42 14.92
C ARG A 129 -4.81 26.20 16.36
N MET A 130 -5.97 25.56 16.47
CA MET A 130 -6.48 25.10 17.74
C MET A 130 -6.07 23.65 18.02
N ASN A 131 -5.80 23.34 19.29
CA ASN A 131 -5.35 21.99 19.63
C ASN A 131 -6.55 21.11 19.97
N ASN A 132 -6.29 19.84 20.34
CA ASN A 132 -7.36 18.88 20.63
C ASN A 132 -8.23 19.30 21.80
N ASP A 133 -7.77 20.23 22.62
CA ASP A 133 -8.55 20.79 23.69
C ASP A 133 -9.24 22.10 23.29
N ASN A 134 -9.20 22.46 22.00
CA ASN A 134 -9.75 23.73 21.51
C ASN A 134 -9.11 24.94 22.19
N LEU A 135 -7.80 24.87 22.39
CA LEU A 135 -6.99 25.97 22.87
C LEU A 135 -5.91 26.26 21.83
N PRO A 136 -5.49 27.51 21.68
CA PRO A 136 -4.56 27.84 20.59
C PRO A 136 -3.18 27.23 20.79
N ILE A 137 -2.61 26.75 19.68
CA ILE A 137 -1.20 26.45 19.61
C ILE A 137 -0.46 27.69 19.13
N ILE A 138 0.47 28.15 19.94
CA ILE A 138 1.26 29.32 19.59
C ILE A 138 2.52 28.85 18.90
N SER A 139 2.88 29.52 17.81
CA SER A 139 4.08 29.15 17.07
C SER A 139 4.61 30.38 16.32
N TYR A 140 5.59 30.14 15.44
CA TYR A 140 6.18 31.23 14.68
C TYR A 140 5.34 31.51 13.44
N LYS A 141 5.31 32.78 13.07
CA LYS A 141 4.76 33.29 11.83
C LYS A 141 5.68 34.42 11.37
N PHE A 142 5.39 34.97 10.21
CA PHE A 142 6.11 36.14 9.75
C PHE A 142 5.12 37.24 9.38
N LYS A 143 5.59 38.49 9.50
CA LYS A 143 4.73 39.64 9.25
C LYS A 143 5.47 40.71 8.45
N LYS A 144 4.70 41.63 7.88
CA LYS A 144 5.28 42.72 7.15
C LYS A 144 6.09 43.62 8.08
N ILE A 145 7.18 44.18 7.57
CA ILE A 145 8.01 45.10 8.35
C ILE A 145 7.48 46.52 8.24
N ALA A 146 7.04 46.92 7.05
CA ALA A 146 6.44 48.22 6.85
C ALA A 146 5.73 48.21 5.50
N MET B 1 15.70 2.14 -14.37
CA MET B 1 16.28 0.76 -14.29
C MET B 1 16.66 0.25 -15.67
N LYS B 2 17.90 -0.12 -15.88
CA LYS B 2 18.31 -0.73 -17.14
C LYS B 2 17.58 -2.06 -17.29
N LEU B 3 17.10 -2.33 -18.50
N LEU B 3 17.08 -2.33 -18.50
CA LEU B 3 16.37 -3.55 -18.82
CA LEU B 3 16.36 -3.55 -18.79
C LEU B 3 17.37 -4.59 -19.33
C LEU B 3 17.34 -4.59 -19.33
N GLN B 4 17.41 -5.74 -18.65
CA GLN B 4 18.39 -6.76 -18.98
C GLN B 4 18.04 -7.44 -20.29
N ARG B 5 16.77 -7.44 -20.66
CA ARG B 5 16.40 -7.88 -21.99
C ARG B 5 15.22 -7.03 -22.39
N GLU B 6 14.89 -7.02 -23.68
CA GLU B 6 13.71 -6.27 -24.11
C GLU B 6 12.41 -6.74 -23.46
N VAL B 7 11.56 -5.74 -23.17
CA VAL B 7 10.22 -5.95 -22.63
C VAL B 7 9.27 -5.17 -23.51
N TYR B 8 8.14 -5.79 -23.82
CA TYR B 8 7.09 -5.24 -24.66
C TYR B 8 5.74 -5.32 -23.97
N ILE B 9 4.85 -4.42 -24.34
CA ILE B 9 3.47 -4.40 -23.83
C ILE B 9 2.61 -5.08 -24.89
N ALA B 10 1.76 -6.01 -24.49
CA ALA B 10 0.84 -6.69 -25.40
C ALA B 10 -0.52 -5.99 -25.24
N GLY B 11 -1.47 -6.54 -24.49
CA GLY B 11 -2.79 -5.95 -24.42
C GLY B 11 -2.86 -4.99 -23.25
N VAL B 12 -3.72 -4.00 -23.34
CA VAL B 12 -3.99 -3.07 -22.25
C VAL B 12 -5.48 -3.02 -22.01
N GLY B 13 -5.84 -2.50 -20.84
CA GLY B 13 -7.22 -2.40 -20.42
C GLY B 13 -7.46 -1.08 -19.73
N GLU B 14 -8.72 -0.61 -19.78
CA GLU B 14 -9.08 0.71 -19.26
C GLU B 14 -10.57 0.78 -19.05
N THR B 15 -11.01 1.17 -17.86
CA THR B 15 -12.43 1.39 -17.61
C THR B 15 -12.75 2.85 -17.92
N LYS B 16 -14.02 3.17 -17.92
CA LYS B 16 -14.45 4.58 -17.95
C LYS B 16 -14.04 5.17 -16.61
N PHE B 17 -13.66 6.39 -16.53
CA PHE B 17 -13.32 7.05 -15.25
C PHE B 17 -14.46 7.98 -14.84
N GLY B 18 -14.76 8.03 -13.56
CA GLY B 18 -15.74 9.00 -13.07
C GLY B 18 -16.27 8.49 -11.75
N LYS B 19 -17.57 8.67 -11.51
CA LYS B 19 -18.21 8.14 -10.30
C LYS B 19 -18.77 6.76 -10.61
N HIS B 20 -18.19 5.73 -10.04
CA HIS B 20 -18.65 4.37 -10.26
C HIS B 20 -19.37 3.88 -9.02
N THR B 21 -20.41 3.09 -9.24
CA THR B 21 -21.07 2.38 -8.16
C THR B 21 -20.62 0.94 -8.04
N VAL B 22 -19.68 0.48 -8.88
CA VAL B 22 -18.98 -0.78 -8.66
C VAL B 22 -17.62 -0.42 -8.08
N ASP B 23 -17.12 -1.30 -7.26
CA ASP B 23 -15.92 -1.00 -6.48
C ASP B 23 -14.64 -1.32 -7.24
N PHE B 24 -13.51 -1.10 -6.53
CA PHE B 24 -12.19 -1.18 -7.13
C PHE B 24 -11.92 -2.57 -7.69
N ASP B 25 -12.52 -3.60 -7.09
CA ASP B 25 -12.18 -4.93 -7.54
C ASP B 25 -12.86 -5.23 -8.87
N VAL B 26 -14.10 -4.78 -9.04
CA VAL B 26 -14.82 -4.96 -10.28
C VAL B 26 -14.14 -4.20 -11.39
N LEU B 27 -13.78 -2.95 -11.11
CA LEU B 27 -13.12 -2.12 -12.11
C LEU B 27 -11.78 -2.72 -12.51
N GLY B 28 -11.01 -3.15 -11.52
CA GLY B 28 -9.69 -3.69 -11.81
C GLY B 28 -9.79 -4.96 -12.64
N ARG B 29 -10.79 -5.76 -12.36
CA ARG B 29 -11.00 -7.01 -13.06
C ARG B 29 -11.41 -6.75 -14.49
N GLU B 30 -12.27 -5.76 -14.72
N GLU B 30 -12.27 -5.76 -14.72
CA GLU B 30 -12.62 -5.37 -16.08
CA GLU B 30 -12.61 -5.39 -16.09
C GLU B 30 -11.39 -4.95 -16.87
C GLU B 30 -11.38 -4.97 -16.87
N ALA B 31 -10.52 -4.15 -16.27
CA ALA B 31 -9.34 -3.71 -16.97
C ALA B 31 -8.39 -4.88 -17.20
N ALA B 32 -8.22 -5.76 -16.19
CA ALA B 32 -7.33 -6.90 -16.38
C ALA B 32 -7.83 -7.83 -17.48
N LEU B 33 -9.14 -8.10 -17.49
CA LEU B 33 -9.70 -8.98 -18.50
C LEU B 33 -9.48 -8.41 -19.90
N GLN B 34 -9.74 -7.11 -20.07
CA GLN B 34 -9.47 -6.48 -21.36
C GLN B 34 -8.01 -6.65 -21.75
N ALA B 35 -7.07 -6.43 -20.83
CA ALA B 35 -5.65 -6.50 -21.21
C ALA B 35 -5.27 -7.93 -21.58
N MET B 36 -5.80 -8.91 -20.85
N MET B 36 -5.79 -8.92 -20.85
CA MET B 36 -5.48 -10.31 -21.17
CA MET B 36 -5.47 -10.30 -21.18
C MET B 36 -6.09 -10.72 -22.50
C MET B 36 -6.07 -10.70 -22.52
N ASN B 37 -7.34 -10.33 -22.76
CA ASN B 37 -7.96 -10.64 -24.03
C ASN B 37 -7.23 -9.93 -25.18
N GLY B 38 -6.76 -8.70 -24.94
CA GLY B 38 -5.99 -7.98 -25.94
C GLY B 38 -4.60 -8.53 -26.18
N SER B 39 -4.14 -9.44 -25.32
CA SER B 39 -2.86 -10.16 -25.45
C SER B 39 -3.07 -11.54 -26.07
N ASN B 40 -4.31 -11.90 -26.46
CA ASN B 40 -4.53 -13.19 -27.13
C ASN B 40 -4.17 -14.38 -26.21
N ILE B 41 -4.31 -14.17 -24.91
CA ILE B 41 -4.05 -15.20 -23.92
C ILE B 41 -5.20 -16.21 -23.89
N ASP B 42 -4.90 -17.44 -24.23
N ASP B 42 -4.88 -17.44 -24.23
CA ASP B 42 -5.85 -18.53 -24.15
CA ASP B 42 -5.83 -18.53 -24.23
C ASP B 42 -5.74 -19.31 -22.83
C ASP B 42 -5.73 -19.35 -22.94
N ARG B 43 -4.62 -19.20 -22.13
CA ARG B 43 -4.32 -19.92 -20.89
C ARG B 43 -3.98 -18.86 -19.87
N PRO B 44 -4.95 -18.41 -19.04
CA PRO B 44 -4.66 -17.31 -18.12
C PRO B 44 -3.45 -17.55 -17.24
N ASP B 45 -3.14 -18.80 -16.91
CA ASP B 45 -1.99 -19.03 -16.02
C ASP B 45 -0.66 -18.92 -16.75
N MET B 46 -0.67 -18.51 -18.03
N MET B 46 -0.78 -18.44 -18.15
CA MET B 46 0.56 -18.01 -18.65
CA MET B 46 0.54 -18.05 -18.61
C MET B 46 1.07 -16.75 -17.96
C MET B 46 0.98 -16.74 -17.96
N ILE B 47 0.16 -15.97 -17.37
CA ILE B 47 0.50 -14.79 -16.59
C ILE B 47 1.17 -15.29 -15.31
N GLN B 48 2.46 -14.97 -15.15
CA GLN B 48 3.29 -15.55 -14.11
C GLN B 48 3.42 -14.66 -12.89
N SER B 49 3.00 -13.40 -12.94
CA SER B 49 3.03 -12.59 -11.73
C SER B 49 2.13 -11.40 -12.00
N ALA B 50 1.57 -10.85 -10.92
CA ALA B 50 0.68 -9.71 -11.05
C ALA B 50 1.01 -8.72 -9.94
N TYR B 51 1.03 -7.46 -10.32
CA TYR B 51 1.20 -6.36 -9.39
C TYR B 51 0.04 -5.41 -9.52
N VAL B 52 -0.50 -4.96 -8.38
CA VAL B 52 -1.67 -4.09 -8.40
C VAL B 52 -1.43 -2.86 -7.52
N GLY B 53 -1.65 -1.69 -8.08
CA GLY B 53 -1.47 -0.43 -7.37
C GLY B 53 -2.79 0.09 -6.84
N ASN B 54 -2.74 0.64 -5.63
CA ASN B 54 -3.92 1.18 -4.98
C ASN B 54 -3.44 2.15 -3.93
N GLY B 55 -4.32 3.05 -3.56
CA GLY B 55 -3.98 4.02 -2.53
C GLY B 55 -4.68 3.79 -1.20
N MET B 56 -5.97 3.66 -1.16
CA MET B 56 -6.67 3.57 0.14
C MET B 56 -7.87 2.64 0.13
N ASN B 57 -8.06 1.74 -0.82
CA ASN B 57 -9.22 0.87 -0.75
C ASN B 57 -9.04 -0.26 0.27
N ASP B 58 -7.89 -0.93 0.29
CA ASP B 58 -7.79 -2.16 1.06
C ASP B 58 -6.36 -2.65 0.96
N MET B 59 -6.06 -3.70 1.74
CA MET B 59 -4.68 -4.17 1.80
C MET B 59 -4.39 -5.37 0.88
N THR B 60 -5.42 -5.91 0.25
CA THR B 60 -5.36 -7.08 -0.59
C THR B 60 -6.09 -6.80 -1.89
N THR B 61 -5.85 -5.62 -2.47
CA THR B 61 -6.64 -5.24 -3.64
C THR B 61 -6.38 -6.15 -4.84
N GLY B 62 -5.12 -6.50 -5.12
CA GLY B 62 -4.85 -7.35 -6.29
C GLY B 62 -5.46 -8.74 -6.18
N GLN B 63 -5.44 -9.34 -5.00
CA GLN B 63 -6.13 -10.62 -4.82
C GLN B 63 -7.64 -10.46 -4.99
N ALA B 64 -8.20 -9.36 -4.50
CA ALA B 64 -9.63 -9.12 -4.71
C ALA B 64 -9.94 -8.94 -6.19
N VAL B 65 -9.05 -8.29 -6.94
CA VAL B 65 -9.24 -8.18 -8.40
C VAL B 65 -9.21 -9.55 -9.08
N PHE B 66 -8.13 -10.32 -8.87
CA PHE B 66 -7.94 -11.56 -9.63
C PHE B 66 -8.80 -12.71 -9.15
N ARG B 67 -9.36 -12.64 -7.93
CA ARG B 67 -10.10 -13.80 -7.44
C ARG B 67 -11.32 -14.04 -8.34
N GLY B 68 -11.95 -12.98 -8.85
CA GLY B 68 -13.13 -13.14 -9.69
C GLY B 68 -12.83 -13.58 -11.12
N LEU B 69 -11.55 -13.70 -11.47
CA LEU B 69 -11.13 -14.30 -12.73
C LEU B 69 -10.68 -15.73 -12.53
N GLY B 70 -10.78 -16.26 -11.31
CA GLY B 70 -10.40 -17.63 -11.09
C GLY B 70 -8.90 -17.82 -11.12
N MET B 71 -8.14 -16.74 -11.02
CA MET B 71 -6.70 -16.78 -11.25
C MET B 71 -5.84 -16.81 -9.98
N CYS B 72 -6.41 -16.56 -8.80
CA CYS B 72 -5.65 -16.70 -7.57
C CYS B 72 -5.29 -18.14 -7.27
N GLY B 73 -4.10 -18.31 -6.70
CA GLY B 73 -3.61 -19.61 -6.39
C GLY B 73 -2.11 -19.72 -6.44
N PRO B 74 -1.63 -20.94 -6.36
CA PRO B 74 -0.18 -21.16 -6.28
C PRO B 74 0.57 -20.71 -7.53
N ASN B 75 -0.13 -20.52 -8.65
CA ASN B 75 0.55 -20.11 -9.87
C ASN B 75 0.40 -18.63 -10.17
N LEU B 76 -0.01 -17.83 -9.20
CA LEU B 76 -0.07 -16.39 -9.40
C LEU B 76 0.35 -15.63 -8.15
N PRO B 77 1.62 -15.35 -8.01
CA PRO B 77 2.10 -14.48 -6.93
C PRO B 77 1.61 -13.07 -7.20
N ILE B 78 0.88 -12.52 -6.24
CA ILE B 78 0.32 -11.19 -6.35
C ILE B 78 0.92 -10.33 -5.25
N ILE B 79 1.46 -9.18 -5.63
CA ILE B 79 1.94 -8.20 -4.68
C ILE B 79 1.26 -6.89 -5.00
N ASN B 80 0.74 -6.25 -3.97
CA ASN B 80 0.16 -4.95 -4.15
C ASN B 80 1.17 -3.87 -3.81
N VAL B 81 1.10 -2.75 -4.53
CA VAL B 81 2.05 -1.69 -4.36
C VAL B 81 1.36 -0.35 -4.08
N GLN B 82 2.11 0.53 -3.41
CA GLN B 82 1.70 1.89 -2.99
C GLN B 82 2.87 2.88 -3.06
N SER B 83 2.65 4.08 -3.58
CA SER B 83 3.51 5.29 -3.47
C SER B 83 2.62 6.48 -3.83
N ALA B 84 1.49 6.55 -3.15
CA ALA B 84 0.35 7.47 -3.38
C ALA B 84 0.03 7.42 -4.90
N CYS B 85 0.17 8.48 -5.71
CA CYS B 85 -0.19 8.51 -7.13
C CYS B 85 0.76 7.72 -8.03
N SER B 86 1.90 7.30 -7.52
CA SER B 86 2.84 6.49 -8.31
C SER B 86 2.38 5.05 -8.41
N ALA B 87 1.42 4.62 -7.59
CA ALA B 87 1.20 3.18 -7.45
C ALA B 87 0.88 2.49 -8.78
N GLY B 88 0.01 3.04 -9.61
CA GLY B 88 -0.39 2.29 -10.81
C GLY B 88 0.76 2.15 -11.78
N ALA B 89 1.63 3.15 -11.82
CA ALA B 89 2.79 3.07 -12.68
C ALA B 89 3.80 2.12 -12.09
N MET B 90 3.93 2.11 -10.76
CA MET B 90 4.85 1.18 -10.14
C MET B 90 4.40 -0.28 -10.35
N ALA B 91 3.09 -0.52 -10.39
CA ALA B 91 2.61 -1.86 -10.64
C ALA B 91 3.11 -2.34 -12.00
N VAL B 92 2.99 -1.48 -13.03
CA VAL B 92 3.48 -1.85 -14.36
C VAL B 92 4.99 -2.01 -14.32
N PHE B 93 5.68 -1.10 -13.61
CA PHE B 93 7.14 -1.21 -13.48
C PHE B 93 7.56 -2.56 -12.89
N CYS B 94 6.90 -3.00 -11.81
CA CYS B 94 7.22 -4.30 -11.20
C CYS B 94 7.03 -5.45 -12.19
N ALA B 95 5.94 -5.41 -12.94
CA ALA B 95 5.73 -6.42 -13.96
C ALA B 95 6.86 -6.40 -14.99
N ILE B 96 7.25 -5.20 -15.48
CA ILE B 96 8.36 -5.06 -16.45
C ILE B 96 9.65 -5.63 -15.87
N LYS B 97 9.91 -5.33 -14.60
CA LYS B 97 11.14 -5.85 -13.99
C LYS B 97 11.12 -7.38 -13.96
N ASP B 98 9.98 -7.99 -13.65
CA ASP B 98 9.92 -9.45 -13.62
C ASP B 98 10.31 -10.02 -14.99
N VAL B 99 9.78 -9.44 -16.06
CA VAL B 99 10.07 -9.91 -17.42
C VAL B 99 11.51 -9.59 -17.80
N ALA B 100 11.95 -8.34 -17.55
CA ALA B 100 13.30 -7.94 -17.99
C ALA B 100 14.40 -8.80 -17.37
N THR B 101 14.18 -9.22 -16.12
CA THR B 101 15.16 -9.99 -15.38
C THR B 101 15.03 -11.49 -15.62
N GLY B 102 13.97 -11.90 -16.32
CA GLY B 102 13.79 -13.31 -16.60
C GLY B 102 13.14 -14.05 -15.49
N VAL B 103 12.69 -13.35 -14.44
CA VAL B 103 11.90 -14.03 -13.42
C VAL B 103 10.63 -14.58 -14.05
N THR B 104 10.09 -13.85 -15.00
CA THR B 104 8.89 -14.26 -15.75
C THR B 104 9.07 -13.93 -17.22
N ASP B 105 8.23 -14.51 -18.06
CA ASP B 105 8.17 -14.09 -19.44
C ASP B 105 6.90 -13.32 -19.78
N LEU B 106 5.91 -13.34 -18.90
CA LEU B 106 4.64 -12.64 -19.10
C LEU B 106 4.10 -12.28 -17.72
N SER B 107 3.78 -11.00 -17.53
CA SER B 107 3.34 -10.45 -16.26
C SER B 107 2.29 -9.38 -16.53
N ILE B 108 1.58 -8.96 -15.48
CA ILE B 108 0.54 -7.95 -15.62
C ILE B 108 0.65 -6.95 -14.48
N GLY B 109 0.40 -5.68 -14.83
CA GLY B 109 0.28 -4.60 -13.85
C GLY B 109 -1.11 -4.00 -13.96
N VAL B 110 -1.77 -3.80 -12.82
CA VAL B 110 -3.09 -3.21 -12.77
C VAL B 110 -3.02 -2.02 -11.81
N GLY B 111 -3.71 -0.93 -12.14
CA GLY B 111 -3.92 0.15 -11.17
C GLY B 111 -5.40 0.35 -11.04
N THR B 112 -5.90 0.41 -9.81
CA THR B 112 -7.33 0.52 -9.63
C THR B 112 -7.65 1.30 -8.36
N GLU B 113 -8.78 2.00 -8.39
CA GLU B 113 -9.23 2.69 -7.20
C GLU B 113 -10.70 3.03 -7.36
N ASN B 114 -11.44 2.85 -6.27
CA ASN B 114 -12.72 3.51 -6.17
C ASN B 114 -12.72 4.34 -4.89
N HIS B 115 -12.83 5.67 -5.06
CA HIS B 115 -12.92 6.61 -3.95
C HIS B 115 -14.36 6.95 -3.59
N THR B 116 -15.20 7.16 -4.61
CA THR B 116 -16.45 7.89 -4.36
C THR B 116 -17.47 7.03 -3.67
N MET B 117 -17.30 5.71 -3.68
CA MET B 117 -18.21 4.82 -2.96
C MET B 117 -17.92 4.77 -1.47
N HIS B 118 -16.86 5.39 -1.02
CA HIS B 118 -16.32 5.18 0.31
C HIS B 118 -16.20 6.52 1.04
N ARG B 119 -16.47 6.49 2.32
CA ARG B 119 -16.31 7.68 3.15
C ARG B 119 -14.83 7.82 3.48
N GLN B 120 -14.15 8.78 2.86
CA GLN B 120 -12.72 9.07 3.11
C GLN B 120 -12.73 10.46 3.76
N SER B 121 -12.28 10.57 5.00
CA SER B 121 -12.47 11.75 5.89
C SER B 121 -11.94 13.06 5.30
N GLY B 122 -10.80 13.02 4.62
CA GLY B 122 -10.11 14.23 4.13
C GLY B 122 -8.73 14.23 4.74
N ALA B 123 -8.62 13.72 5.95
CA ALA B 123 -7.34 13.48 6.64
C ALA B 123 -6.58 12.33 6.02
N ALA B 124 -7.27 11.42 5.33
CA ALA B 124 -6.62 10.32 4.63
C ALA B 124 -5.84 10.81 3.42
N PHE B 125 -6.29 11.90 2.80
CA PHE B 125 -5.61 12.50 1.66
C PHE B 125 -4.48 13.45 2.08
N SER B 126 -4.29 13.67 3.38
CA SER B 126 -3.27 14.58 3.88
C SER B 126 -2.39 13.85 4.90
N ALA B 127 -1.24 14.46 5.19
CA ALA B 127 -0.37 13.95 6.23
C ALA B 127 -0.89 14.35 7.60
N ALA B 128 -0.28 13.78 8.64
CA ALA B 128 -0.70 14.02 10.01
C ALA B 128 -0.16 15.35 10.50
N ARG B 129 -0.74 15.83 11.61
CA ARG B 129 -0.24 17.05 12.24
C ARG B 129 1.25 16.95 12.52
N SER B 130 1.76 15.73 12.73
CA SER B 130 3.20 15.48 12.91
C SER B 130 4.05 16.14 11.82
N ASP B 131 3.52 16.30 10.62
CA ASP B 131 4.30 16.86 9.52
C ASP B 131 4.34 18.38 9.67
N ILE B 132 5.55 18.97 9.65
CA ILE B 132 5.68 20.35 10.11
C ILE B 132 4.83 21.31 9.28
N GLU B 133 4.80 21.16 7.95
CA GLU B 133 4.00 22.07 7.12
C GLU B 133 2.50 21.87 7.38
N THR B 134 2.08 20.64 7.61
CA THR B 134 0.68 20.37 7.98
C THR B 134 0.32 21.01 9.33
N MET B 135 1.22 20.95 10.29
CA MET B 135 1.02 21.57 11.61
C MET B 135 0.72 23.05 11.38
N HIS B 136 1.37 23.66 10.39
CA HIS B 136 1.21 25.09 10.11
C HIS B 136 0.13 25.38 9.04
N GLY B 137 -0.67 24.39 8.68
CA GLY B 137 -1.85 24.67 7.89
C GLY B 137 -1.74 24.36 6.40
N ALA B 138 -0.64 23.72 5.97
CA ALA B 138 -0.47 23.40 4.55
C ALA B 138 -1.64 22.59 4.01
N VAL B 139 -2.03 22.89 2.77
CA VAL B 139 -2.91 22.06 1.97
C VAL B 139 -2.27 21.97 0.59
N MET B 140 -2.48 20.84 -0.07
CA MET B 140 -1.81 20.55 -1.35
C MET B 140 -2.08 21.67 -2.36
N THR B 141 -3.29 22.18 -2.45
CA THR B 141 -3.58 23.16 -3.49
C THR B 141 -2.77 24.42 -3.24
N GLY B 142 -2.57 24.76 -1.97
CA GLY B 142 -1.75 25.93 -1.66
C GLY B 142 -0.28 25.69 -1.94
N LYS B 143 0.20 24.45 -1.74
CA LYS B 143 1.58 24.17 -2.10
C LYS B 143 1.80 24.37 -3.60
N TYR B 144 0.87 23.90 -4.42
CA TYR B 144 1.07 24.08 -5.86
C TYR B 144 0.79 25.52 -6.25
N ALA B 145 -0.14 26.17 -5.53
CA ALA B 145 -0.42 27.59 -5.80
C ALA B 145 0.85 28.42 -5.59
N MET B 146 1.64 28.06 -4.58
CA MET B 146 2.88 28.80 -4.37
C MET B 146 3.80 28.63 -5.56
N ARG B 147 3.79 27.44 -6.19
CA ARG B 147 4.61 27.23 -7.37
C ARG B 147 4.12 28.12 -8.51
N ALA B 148 2.81 28.23 -8.66
CA ALA B 148 2.23 29.11 -9.69
C ALA B 148 2.55 30.58 -9.41
N THR B 149 2.33 31.03 -8.18
CA THR B 149 2.70 32.42 -7.88
C THR B 149 4.16 32.69 -8.22
N ARG B 150 5.06 31.79 -7.87
CA ARG B 150 6.47 32.07 -8.14
C ARG B 150 6.70 32.11 -9.64
N TYR B 151 6.01 31.25 -10.38
CA TYR B 151 6.18 31.23 -11.83
C TYR B 151 5.64 32.51 -12.47
N MET B 152 4.46 32.99 -12.01
CA MET B 152 3.95 34.28 -12.49
C MET B 152 4.94 35.42 -12.18
N HIS B 153 5.50 35.42 -10.97
CA HIS B 153 6.50 36.41 -10.60
C HIS B 153 7.68 36.42 -11.57
N GLU B 154 8.15 35.24 -11.97
CA GLU B 154 9.37 35.18 -12.76
C GLU B 154 9.11 35.36 -14.25
N THR B 155 7.95 34.94 -14.75
CA THR B 155 7.74 34.89 -16.19
C THR B 155 6.70 35.88 -16.69
N GLY B 156 5.86 36.43 -15.81
CA GLY B 156 4.72 37.24 -16.25
C GLY B 156 3.51 36.42 -16.66
N ALA B 157 3.52 35.10 -16.48
CA ALA B 157 2.33 34.31 -16.68
C ALA B 157 1.16 34.87 -15.87
N THR B 158 -0.03 34.84 -16.46
CA THR B 158 -1.25 35.30 -15.82
C THR B 158 -2.12 34.10 -15.42
N ILE B 159 -3.14 34.37 -14.60
CA ILE B 159 -4.07 33.30 -14.26
C ILE B 159 -4.74 32.74 -15.51
N GLU B 160 -4.92 33.57 -16.54
CA GLU B 160 -5.51 33.10 -17.80
C GLU B 160 -4.59 32.12 -18.53
N ASP B 161 -3.28 32.36 -18.50
CA ASP B 161 -2.34 31.36 -19.01
C ASP B 161 -2.48 30.03 -18.29
N LEU B 162 -2.51 30.04 -16.95
CA LEU B 162 -2.67 28.78 -16.22
C LEU B 162 -3.97 28.09 -16.61
N ALA B 163 -5.06 28.84 -16.73
CA ALA B 163 -6.34 28.23 -17.02
C ALA B 163 -6.34 27.54 -18.38
N MET B 164 -5.50 28.01 -19.31
N MET B 164 -5.50 28.02 -19.30
CA MET B 164 -5.43 27.38 -20.62
CA MET B 164 -5.38 27.40 -20.63
C MET B 164 -4.99 25.92 -20.56
C MET B 164 -4.98 25.92 -20.55
N ILE B 165 -4.33 25.50 -19.48
CA ILE B 165 -4.00 24.09 -19.31
C ILE B 165 -5.29 23.27 -19.15
N THR B 166 -6.22 23.74 -18.31
CA THR B 166 -7.50 23.04 -18.23
C THR B 166 -8.22 23.06 -19.58
N VAL B 167 -8.20 24.20 -20.25
CA VAL B 167 -8.92 24.32 -21.51
C VAL B 167 -8.35 23.31 -22.52
N LYS B 168 -7.02 23.30 -22.67
CA LYS B 168 -6.37 22.37 -23.57
C LYS B 168 -6.70 20.93 -23.23
N ASN B 169 -6.55 20.54 -21.96
CA ASN B 169 -6.70 19.14 -21.60
C ASN B 169 -8.14 18.68 -21.78
N ARG B 170 -9.11 19.51 -21.41
CA ARG B 170 -10.51 19.14 -21.67
C ARG B 170 -10.78 19.10 -23.17
N LYS B 171 -10.13 19.97 -23.95
CA LYS B 171 -10.31 19.92 -25.40
C LYS B 171 -9.84 18.59 -25.94
N HIS B 172 -8.65 18.16 -25.52
CA HIS B 172 -8.09 16.88 -25.95
C HIS B 172 -9.03 15.73 -25.65
N ALA B 173 -9.71 15.80 -24.51
CA ALA B 173 -10.59 14.72 -24.09
C ALA B 173 -11.96 14.72 -24.77
N THR B 174 -12.29 15.72 -25.59
CA THR B 174 -13.65 15.92 -26.10
C THR B 174 -14.30 14.60 -26.53
N HIS B 175 -13.60 13.82 -27.35
CA HIS B 175 -14.17 12.61 -27.94
C HIS B 175 -13.67 11.34 -27.27
N ASN B 176 -13.09 11.48 -26.11
CA ASN B 176 -12.57 10.33 -25.36
C ASN B 176 -13.64 9.80 -24.42
N PRO B 177 -14.23 8.62 -24.67
CA PRO B 177 -15.32 8.15 -23.80
C PRO B 177 -14.87 7.80 -22.41
N TYR B 178 -13.58 7.52 -22.20
CA TYR B 178 -13.09 7.14 -20.88
C TYR B 178 -12.98 8.34 -19.96
N ALA B 179 -12.74 9.53 -20.51
CA ALA B 179 -12.56 10.70 -19.68
C ALA B 179 -13.87 11.07 -19.02
N TRP B 180 -13.78 11.84 -17.94
CA TRP B 180 -14.99 12.21 -17.18
C TRP B 180 -15.53 13.58 -17.57
N PHE B 181 -14.69 14.61 -17.44
CA PHE B 181 -14.99 15.94 -17.92
C PHE B 181 -14.31 16.14 -19.25
N LYS B 182 -15.02 16.73 -20.20
CA LYS B 182 -14.46 16.89 -21.53
C LYS B 182 -15.17 17.92 -22.38
N GLY B 183 -14.45 18.38 -23.38
CA GLY B 183 -15.00 19.30 -24.36
C GLY B 183 -14.59 20.72 -24.05
N ALA B 184 -15.25 21.62 -24.75
CA ALA B 184 -14.96 23.05 -24.62
C ALA B 184 -15.33 23.58 -23.25
N ILE B 185 -14.38 24.24 -22.61
CA ILE B 185 -14.64 25.09 -21.46
C ILE B 185 -13.87 26.37 -21.70
N THR B 186 -14.47 27.52 -21.37
CA THR B 186 -13.82 28.78 -21.70
C THR B 186 -12.83 29.15 -20.61
N VAL B 187 -11.86 29.99 -20.96
CA VAL B 187 -10.92 30.47 -19.96
C VAL B 187 -11.65 31.17 -18.82
N GLU B 188 -12.65 32.01 -19.15
CA GLU B 188 -13.35 32.73 -18.09
C GLU B 188 -14.08 31.77 -17.16
N GLU B 189 -14.66 30.68 -17.68
CA GLU B 189 -15.27 29.71 -16.77
C GLU B 189 -14.24 29.10 -15.81
N VAL B 190 -13.05 28.76 -16.31
CA VAL B 190 -12.01 28.22 -15.44
C VAL B 190 -11.58 29.28 -14.42
N VAL B 191 -11.29 30.49 -14.87
CA VAL B 191 -10.76 31.52 -13.97
C VAL B 191 -11.80 31.94 -12.94
N ASN B 192 -13.08 31.92 -13.32
CA ASN B 192 -14.14 32.41 -12.44
C ASN B 192 -14.68 31.32 -11.51
N SER B 193 -14.17 30.09 -11.60
CA SER B 193 -14.55 29.01 -10.69
C SER B 193 -13.98 29.33 -9.30
N ARG B 194 -14.51 28.66 -8.30
CA ARG B 194 -14.23 29.09 -6.93
C ARG B 194 -12.74 29.06 -6.66
N MET B 195 -12.24 30.11 -5.99
CA MET B 195 -10.82 30.17 -5.64
C MET B 195 -10.54 29.27 -4.45
N VAL B 196 -9.53 28.41 -4.60
CA VAL B 196 -9.15 27.49 -3.52
C VAL B 196 -7.96 28.07 -2.77
N ALA B 197 -6.87 28.29 -3.48
CA ALA B 197 -5.69 28.98 -2.92
C ALA B 197 -5.08 29.76 -4.07
N TYR B 198 -5.03 31.08 -3.97
CA TYR B 198 -4.70 31.90 -5.14
C TYR B 198 -3.34 31.44 -5.69
N PRO B 199 -3.19 31.25 -7.01
CA PRO B 199 -4.16 31.48 -8.09
C PRO B 199 -4.89 30.24 -8.58
N MET B 200 -4.90 29.18 -7.79
CA MET B 200 -5.56 27.92 -8.18
C MET B 200 -7.08 27.98 -7.92
N THR B 201 -7.91 28.02 -8.97
CA THR B 201 -9.34 27.91 -8.84
C THR B 201 -9.76 26.44 -8.97
N LEU B 202 -11.01 26.14 -8.63
CA LEU B 202 -11.46 24.76 -8.60
C LEU B 202 -11.26 24.05 -9.93
N GLN B 203 -11.51 24.73 -11.05
CA GLN B 203 -11.39 24.05 -12.33
C GLN B 203 -9.94 23.86 -12.75
N GLN B 204 -8.99 24.38 -11.99
CA GLN B 204 -7.59 24.16 -12.26
C GLN B 204 -7.05 23.02 -11.44
N CYS B 205 -7.89 22.34 -10.68
CA CYS B 205 -7.48 21.23 -9.81
C CYS B 205 -8.13 19.94 -10.32
N CYS B 206 -7.37 18.85 -10.36
CA CYS B 206 -8.00 17.60 -10.74
C CYS B 206 -8.90 17.16 -9.60
N GLY B 207 -9.93 16.42 -9.91
CA GLY B 207 -10.82 15.90 -8.89
C GLY B 207 -10.63 14.42 -8.61
N ILE B 208 -11.27 13.97 -7.53
CA ILE B 208 -11.34 12.56 -7.15
C ILE B 208 -12.21 11.81 -8.15
N ALA B 209 -11.77 10.63 -8.56
CA ALA B 209 -12.55 9.81 -9.47
C ALA B 209 -12.28 8.34 -9.20
N ASP B 210 -13.07 7.46 -9.85
CA ASP B 210 -12.97 6.01 -9.74
C ASP B 210 -12.59 5.44 -11.10
N GLY B 211 -11.71 4.46 -11.16
CA GLY B 211 -11.35 3.90 -12.47
C GLY B 211 -10.26 2.85 -12.32
N ALA B 212 -9.94 2.18 -13.43
CA ALA B 212 -8.83 1.22 -13.42
C ALA B 212 -8.24 1.07 -14.81
N ALA B 213 -7.00 0.60 -14.85
CA ALA B 213 -6.34 0.26 -16.11
C ALA B 213 -5.37 -0.88 -15.83
N ALA B 214 -4.95 -1.54 -16.90
CA ALA B 214 -4.08 -2.72 -16.78
C ALA B 214 -3.21 -2.82 -18.02
N VAL B 215 -2.02 -3.41 -17.84
CA VAL B 215 -0.99 -3.54 -18.88
C VAL B 215 -0.36 -4.93 -18.75
N VAL B 216 -0.43 -5.73 -19.82
CA VAL B 216 0.31 -7.00 -19.90
C VAL B 216 1.66 -6.74 -20.56
N VAL B 217 2.74 -7.26 -19.98
CA VAL B 217 4.07 -7.11 -20.55
C VAL B 217 4.72 -8.48 -20.71
N GLY B 218 5.59 -8.63 -21.71
CA GLY B 218 6.18 -9.94 -21.92
C GLY B 218 7.46 -9.80 -22.72
N SER B 219 8.16 -10.92 -22.87
CA SER B 219 9.41 -10.93 -23.61
C SER B 219 9.16 -10.83 -25.11
N LYS B 220 10.22 -10.61 -25.88
CA LYS B 220 10.08 -10.61 -27.33
C LYS B 220 9.51 -11.94 -27.81
N GLU B 221 10.03 -13.05 -27.28
CA GLU B 221 9.54 -14.36 -27.72
C GLU B 221 8.07 -14.54 -27.36
N MET B 222 7.67 -14.07 -26.18
CA MET B 222 6.26 -14.16 -25.83
C MET B 222 5.37 -13.33 -26.76
N MET B 223 5.84 -12.14 -27.24
CA MET B 223 5.04 -11.39 -28.21
C MET B 223 4.84 -12.18 -29.49
N LYS B 224 5.87 -12.92 -29.94
CA LYS B 224 5.72 -13.72 -31.14
C LYS B 224 4.78 -14.90 -30.89
N LYS B 225 4.90 -15.54 -29.74
CA LYS B 225 4.04 -16.68 -29.46
C LYS B 225 2.57 -16.29 -29.29
N LEU B 226 2.30 -15.11 -28.72
CA LEU B 226 0.93 -14.60 -28.59
C LEU B 226 0.40 -13.94 -29.87
N GLY B 227 1.23 -13.77 -30.90
CA GLY B 227 0.74 -13.20 -32.15
C GLY B 227 0.39 -11.74 -31.99
N ILE B 228 1.11 -11.00 -31.15
CA ILE B 228 0.81 -9.60 -30.92
C ILE B 228 1.21 -8.77 -32.14
N ALA B 229 0.25 -7.99 -32.69
CA ALA B 229 0.51 -7.33 -33.97
C ALA B 229 1.34 -6.05 -33.80
N LYS B 230 1.12 -5.31 -32.74
CA LYS B 230 1.76 -4.01 -32.52
CA LYS B 230 1.75 -4.02 -32.51
C LYS B 230 2.35 -3.96 -31.10
N PRO B 231 3.31 -4.83 -30.82
CA PRO B 231 3.91 -4.78 -29.47
C PRO B 231 4.60 -3.44 -29.29
N VAL B 232 4.39 -2.86 -28.13
CA VAL B 232 4.96 -1.57 -27.77
C VAL B 232 6.19 -1.84 -26.93
N LYS B 233 7.34 -1.35 -27.38
CA LYS B 233 8.57 -1.59 -26.63
C LYS B 233 8.67 -0.65 -25.43
N VAL B 234 9.04 -1.22 -24.28
CA VAL B 234 9.47 -0.43 -23.12
C VAL B 234 10.90 0.02 -23.36
N ALA B 235 11.05 1.27 -23.83
CA ALA B 235 12.38 1.80 -24.08
C ALA B 235 13.08 2.14 -22.79
N GLY B 236 12.33 2.53 -21.79
CA GLY B 236 12.92 2.71 -20.47
C GLY B 236 11.88 2.93 -19.41
N VAL B 237 12.31 2.75 -18.16
CA VAL B 237 11.41 3.04 -17.05
C VAL B 237 12.26 3.34 -15.83
N VAL B 238 11.85 4.34 -15.02
CA VAL B 238 12.66 4.82 -13.90
C VAL B 238 11.72 5.12 -12.72
N VAL B 239 12.14 4.68 -11.54
CA VAL B 239 11.53 5.01 -10.25
C VAL B 239 12.57 5.75 -9.40
N GLU B 240 12.16 6.87 -8.80
CA GLU B 240 13.00 7.61 -7.85
C GLU B 240 12.17 7.95 -6.61
N SER B 241 12.89 8.29 -5.54
CA SER B 241 12.30 8.90 -4.35
C SER B 241 12.83 10.33 -4.28
N GLY B 242 12.08 11.18 -3.61
CA GLY B 242 12.35 12.61 -3.60
C GLY B 242 13.32 13.02 -2.53
N PRO B 243 14.36 13.80 -2.91
CA PRO B 243 15.33 14.27 -1.93
C PRO B 243 14.68 15.17 -0.88
N TYR B 244 15.17 15.03 0.34
CA TYR B 244 14.77 15.80 1.50
C TYR B 244 15.88 16.78 1.90
N HIS B 245 15.50 18.04 1.99
CA HIS B 245 16.33 19.06 2.62
C HIS B 245 15.52 20.32 2.84
N ASN B 246 16.12 21.26 3.57
CA ASN B 246 15.42 22.48 3.97
C ASN B 246 16.12 23.73 3.45
N ARG B 247 16.86 23.59 2.36
CA ARG B 247 17.48 24.71 1.69
C ARG B 247 16.48 25.31 0.72
N PRO B 248 16.67 26.56 0.36
CA PRO B 248 15.81 27.16 -0.66
C PRO B 248 15.91 26.34 -1.93
N ARG B 249 14.77 25.99 -2.49
CA ARG B 249 14.67 25.39 -3.83
C ARG B 249 13.99 26.35 -4.81
N ASP B 250 14.29 26.20 -6.08
CA ASP B 250 13.54 26.84 -7.15
C ASP B 250 12.33 25.96 -7.41
N ILE B 251 11.19 26.39 -6.90
CA ILE B 251 9.99 25.56 -7.00
C ILE B 251 9.34 25.66 -8.37
N THR B 252 9.86 26.47 -9.28
CA THR B 252 9.41 26.34 -10.66
C THR B 252 10.12 25.20 -11.34
N GLY B 253 11.21 24.71 -10.74
CA GLY B 253 11.75 23.41 -11.06
C GLY B 253 11.13 22.34 -10.17
N ASP B 254 11.69 21.14 -10.27
CA ASP B 254 11.13 19.95 -9.64
C ASP B 254 12.28 18.95 -9.58
N ASP B 255 12.93 18.85 -8.41
CA ASP B 255 14.18 18.10 -8.38
C ASP B 255 13.99 16.67 -8.89
N ILE B 256 13.01 15.96 -8.38
CA ILE B 256 12.88 14.56 -8.73
C ILE B 256 12.35 14.39 -10.15
N THR B 257 11.49 15.28 -10.63
CA THR B 257 11.06 15.10 -12.03
C THR B 257 12.24 15.34 -12.97
N GLU B 258 13.06 16.35 -12.66
CA GLU B 258 14.24 16.62 -13.47
C GLU B 258 15.17 15.40 -13.51
N THR B 259 15.49 14.82 -12.35
CA THR B 259 16.48 13.74 -12.34
C THR B 259 15.86 12.46 -12.92
N THR B 260 14.58 12.20 -12.64
CA THR B 260 13.96 10.99 -13.17
C THR B 260 13.91 11.03 -14.70
N SER B 261 13.51 12.17 -15.27
N SER B 261 13.48 12.17 -15.25
CA SER B 261 13.41 12.28 -16.73
CA SER B 261 13.42 12.34 -16.71
C SER B 261 14.78 12.22 -17.37
C SER B 261 14.79 12.16 -17.32
N GLU B 262 15.78 12.85 -16.76
CA GLU B 262 17.12 12.78 -17.33
C GLU B 262 17.61 11.34 -17.33
N LYS B 263 17.34 10.59 -16.25
CA LYS B 263 17.80 9.20 -16.18
C LYS B 263 17.06 8.35 -17.22
N LEU B 264 15.78 8.61 -17.41
CA LEU B 264 14.98 7.97 -18.44
C LEU B 264 15.53 8.23 -19.83
N TYR B 265 15.92 9.48 -20.12
CA TYR B 265 16.52 9.75 -21.43
C TYR B 265 17.84 9.02 -21.59
N GLU B 266 18.67 9.02 -20.54
CA GLU B 266 19.98 8.39 -20.63
C GLU B 266 19.84 6.89 -20.83
N GLU B 267 18.95 6.23 -20.09
CA GLU B 267 18.84 4.78 -20.16
C GLU B 267 18.19 4.37 -21.47
N SER B 268 17.19 5.09 -21.90
CA SER B 268 16.48 4.69 -23.11
C SER B 268 17.20 5.14 -24.37
N GLY B 269 18.10 6.12 -24.28
CA GLY B 269 18.75 6.66 -25.47
C GLY B 269 17.86 7.56 -26.30
N ILE B 270 16.72 7.97 -25.76
CA ILE B 270 15.72 8.82 -26.40
C ILE B 270 15.67 10.13 -25.64
N GLY B 271 15.89 11.25 -26.33
CA GLY B 271 15.85 12.53 -25.68
C GLY B 271 14.47 13.15 -25.67
N PRO B 272 14.33 14.23 -24.87
CA PRO B 272 13.01 14.82 -24.66
C PRO B 272 12.41 15.41 -25.94
N LYS B 273 13.23 15.91 -26.87
CA LYS B 273 12.72 16.50 -28.11
C LYS B 273 12.18 15.44 -29.06
N GLU B 274 12.37 14.17 -28.73
CA GLU B 274 11.89 13.08 -29.57
C GLU B 274 10.56 12.54 -29.11
N VAL B 275 10.09 12.99 -27.95
CA VAL B 275 8.84 12.52 -27.38
C VAL B 275 7.67 13.18 -28.12
N ASN B 276 6.75 12.35 -28.63
CA ASN B 276 5.64 12.84 -29.45
C ASN B 276 4.37 13.07 -28.64
N ILE B 277 4.14 12.28 -27.62
CA ILE B 277 3.05 12.47 -26.69
C ILE B 277 3.55 12.25 -25.28
N LEU B 278 2.86 12.89 -24.35
CA LEU B 278 3.28 12.84 -22.95
C LEU B 278 2.05 12.88 -22.08
N GLU B 279 1.91 11.94 -21.15
CA GLU B 279 0.92 12.00 -20.08
C GLU B 279 1.67 12.31 -18.80
N LEU B 280 1.21 13.30 -18.04
CA LEU B 280 1.98 13.65 -16.85
C LEU B 280 1.07 13.98 -15.70
N HIS B 281 1.67 14.37 -14.58
CA HIS B 281 0.91 14.46 -13.34
C HIS B 281 0.26 15.84 -13.24
N ASP B 282 -0.77 16.07 -14.08
CA ASP B 282 -1.46 17.36 -14.11
C ASP B 282 -2.53 17.43 -13.01
N ALA B 283 -2.08 17.30 -11.74
CA ALA B 283 -2.99 17.41 -10.61
C ALA B 283 -3.49 18.84 -10.50
N PHE B 284 -2.71 19.78 -11.00
CA PHE B 284 -3.06 21.19 -11.05
C PHE B 284 -2.51 21.73 -12.36
N THR B 285 -3.14 22.78 -12.90
CA THR B 285 -2.68 23.34 -14.16
C THR B 285 -1.20 23.70 -14.13
N ILE B 286 -0.78 24.36 -13.04
CA ILE B 286 0.60 24.81 -12.97
C ILE B 286 1.57 23.65 -13.07
N ALA B 287 1.20 22.45 -12.61
CA ALA B 287 2.17 21.37 -12.67
C ALA B 287 2.54 21.04 -14.12
N GLU B 288 1.55 20.91 -15.00
CA GLU B 288 1.88 20.57 -16.39
C GLU B 288 2.78 21.65 -16.99
N LEU B 289 2.48 22.92 -16.71
CA LEU B 289 3.25 24.00 -17.28
C LEU B 289 4.71 23.93 -16.83
N LEU B 290 4.94 23.77 -15.53
CA LEU B 290 6.31 23.64 -15.04
C LEU B 290 7.01 22.43 -15.62
N TYR B 291 6.30 21.32 -15.80
CA TYR B 291 6.97 20.07 -16.20
C TYR B 291 7.45 20.13 -17.65
N TYR B 292 6.88 21.05 -18.47
CA TYR B 292 7.48 21.29 -19.79
C TYR B 292 8.96 21.58 -19.66
N GLU B 293 9.30 22.48 -18.73
CA GLU B 293 10.70 22.80 -18.44
C GLU B 293 11.38 21.67 -17.69
N CYS B 294 10.71 21.13 -16.65
CA CYS B 294 11.41 20.19 -15.78
C CYS B 294 11.82 18.95 -16.56
N MET B 295 11.03 18.55 -17.56
CA MET B 295 11.33 17.40 -18.40
C MET B 295 12.19 17.73 -19.61
N GLY B 296 12.53 19.00 -19.83
CA GLY B 296 13.43 19.35 -20.91
C GLY B 296 12.75 19.43 -22.25
N LEU B 297 11.40 19.51 -22.27
CA LEU B 297 10.72 19.76 -23.55
C LEU B 297 11.12 21.14 -24.09
N CYS B 298 11.39 22.07 -23.18
CA CYS B 298 11.85 23.40 -23.53
C CYS B 298 12.82 23.82 -22.45
N LYS B 299 13.44 24.98 -22.65
CA LYS B 299 14.42 25.47 -21.70
C LYS B 299 13.76 26.07 -20.45
N LYS B 300 14.56 26.21 -19.39
CA LYS B 300 14.18 26.95 -18.19
C LYS B 300 13.58 28.30 -18.54
N GLY B 301 12.44 28.63 -17.93
CA GLY B 301 11.77 29.87 -18.21
C GLY B 301 10.92 29.92 -19.47
N ASP B 302 10.97 28.90 -20.32
CA ASP B 302 10.30 28.95 -21.62
C ASP B 302 8.98 28.20 -21.64
N GLY B 303 8.53 27.66 -20.50
CA GLY B 303 7.30 26.87 -20.50
C GLY B 303 6.09 27.69 -20.91
N LEU B 304 6.05 28.96 -20.51
CA LEU B 304 4.94 29.82 -20.87
C LEU B 304 4.88 30.03 -22.39
N LYS B 305 6.02 30.24 -23.01
CA LYS B 305 6.11 30.43 -24.47
C LYS B 305 5.71 29.11 -25.15
N PHE B 306 6.17 27.98 -24.64
CA PHE B 306 5.85 26.65 -25.19
C PHE B 306 4.35 26.46 -25.24
N LEU B 307 3.68 26.79 -24.13
CA LEU B 307 2.23 26.70 -24.04
C LEU B 307 1.57 27.63 -25.03
N ARG B 308 1.97 28.90 -25.02
CA ARG B 308 1.28 29.87 -25.84
C ARG B 308 1.51 29.61 -27.31
N ASP B 309 2.66 29.04 -27.66
CA ASP B 309 2.97 28.80 -29.06
C ASP B 309 2.25 27.56 -29.58
N GLY B 310 1.50 26.87 -28.73
CA GLY B 310 0.82 25.67 -29.14
C GLY B 310 1.70 24.44 -29.23
N GLN B 311 2.86 24.45 -28.56
CA GLN B 311 3.78 23.34 -28.69
C GLN B 311 3.37 22.11 -27.91
N SER B 312 2.37 22.21 -27.01
CA SER B 312 1.91 21.11 -26.21
C SER B 312 0.52 20.63 -26.62
N THR B 313 0.06 20.99 -27.82
CA THR B 313 -1.20 20.47 -28.33
C THR B 313 -0.99 19.94 -29.75
N TYR B 314 -2.06 19.55 -30.44
CA TYR B 314 -1.91 18.99 -31.77
C TYR B 314 -1.09 19.90 -32.68
N GLY B 315 -0.20 19.29 -33.47
CA GLY B 315 0.68 20.01 -34.36
C GLY B 315 1.97 20.47 -33.73
N GLY B 316 2.08 20.46 -32.42
CA GLY B 316 3.24 20.99 -31.74
C GLY B 316 4.32 19.94 -31.51
N GLN B 317 5.39 20.39 -30.85
CA GLN B 317 6.51 19.50 -30.58
C GLN B 317 6.08 18.24 -29.85
N CYS B 318 5.14 18.36 -28.92
CA CYS B 318 4.75 17.19 -28.11
C CYS B 318 3.32 17.41 -27.65
N VAL B 319 2.40 16.53 -28.02
CA VAL B 319 1.03 16.65 -27.54
C VAL B 319 1.02 16.17 -26.09
N VAL B 320 0.81 17.11 -25.16
CA VAL B 320 0.79 16.82 -23.74
C VAL B 320 -0.65 16.62 -23.28
N SER B 321 -0.84 15.55 -22.56
CA SER B 321 -2.16 15.15 -22.05
C SER B 321 -3.16 14.87 -23.17
N PRO B 322 -2.78 14.08 -24.19
CA PRO B 322 -3.74 13.83 -25.29
C PRO B 322 -5.00 13.08 -24.84
N ARG B 323 -4.93 12.28 -23.79
CA ARG B 323 -6.16 11.59 -23.32
C ARG B 323 -7.03 12.58 -22.54
N GLY B 324 -6.51 13.74 -22.15
CA GLY B 324 -7.18 14.71 -21.31
C GLY B 324 -6.55 14.93 -19.97
N GLY B 325 -5.59 14.10 -19.54
CA GLY B 325 -4.91 14.29 -18.26
C GLY B 325 -5.79 13.96 -17.08
N LEU B 326 -5.19 14.08 -15.88
CA LEU B 326 -5.97 14.08 -14.66
C LEU B 326 -7.04 15.17 -14.66
N LEU B 327 -6.80 16.31 -15.34
CA LEU B 327 -7.79 17.37 -15.35
C LEU B 327 -9.08 16.95 -16.08
N SER B 328 -9.06 15.89 -16.92
CA SER B 328 -10.28 15.40 -17.57
C SER B 328 -10.75 14.05 -17.01
N TYR B 329 -9.84 13.17 -16.66
CA TYR B 329 -10.23 11.87 -16.10
C TYR B 329 -10.63 11.94 -14.63
N GLY B 330 -10.14 12.93 -13.90
CA GLY B 330 -10.05 12.81 -12.46
C GLY B 330 -8.93 11.85 -12.11
N HIS B 331 -8.78 11.60 -10.83
CA HIS B 331 -7.58 10.93 -10.34
C HIS B 331 -7.94 9.88 -9.29
N PRO B 332 -8.22 8.65 -9.71
CA PRO B 332 -8.28 7.51 -8.78
C PRO B 332 -6.83 7.16 -8.47
N ILE B 333 -6.45 7.31 -7.21
CA ILE B 333 -5.01 7.33 -6.88
C ILE B 333 -4.27 6.14 -7.49
N GLY B 334 -4.75 4.92 -7.28
CA GLY B 334 -4.01 3.74 -7.75
C GLY B 334 -4.09 3.51 -9.22
N ALA B 335 -5.01 4.16 -9.91
CA ALA B 335 -5.26 3.89 -11.30
C ALA B 335 -4.46 4.75 -12.26
N SER B 336 -4.27 6.04 -11.94
CA SER B 336 -3.81 6.97 -12.96
C SER B 336 -2.50 6.54 -13.61
N GLY B 337 -1.54 6.06 -12.84
CA GLY B 337 -0.26 5.75 -13.42
C GLY B 337 -0.35 4.61 -14.42
N ALA B 338 -1.28 3.68 -14.21
CA ALA B 338 -1.45 2.58 -15.19
C ALA B 338 -2.25 3.06 -16.37
N ALA B 339 -3.22 3.93 -16.09
CA ALA B 339 -4.09 4.44 -17.15
C ALA B 339 -3.32 5.28 -18.16
N GLN B 340 -2.36 6.11 -17.69
CA GLN B 340 -1.54 6.85 -18.64
C GLN B 340 -0.92 5.92 -19.65
N ILE B 341 -0.40 4.78 -19.18
CA ILE B 341 0.31 3.84 -20.05
C ILE B 341 -0.65 3.19 -21.02
N ALA B 342 -1.82 2.79 -20.54
CA ALA B 342 -2.81 2.20 -21.42
C ALA B 342 -3.18 3.12 -22.58
N GLN B 343 -3.41 4.40 -22.27
CA GLN B 343 -3.80 5.32 -23.34
C GLN B 343 -2.60 5.64 -24.24
N ASN B 344 -1.40 5.76 -23.69
CA ASN B 344 -0.28 5.97 -24.59
C ASN B 344 -0.10 4.82 -25.56
N VAL B 345 -0.32 3.59 -25.10
CA VAL B 345 -0.24 2.45 -25.99
C VAL B 345 -1.27 2.54 -27.08
N LYS B 346 -2.50 2.92 -26.71
CA LYS B 346 -3.53 3.03 -27.74
C LYS B 346 -3.17 4.09 -28.77
N GLN B 347 -2.59 5.21 -28.33
CA GLN B 347 -2.20 6.26 -29.28
C GLN B 347 -1.11 5.77 -30.23
N LEU B 348 -0.09 5.10 -29.68
CA LEU B 348 0.98 4.55 -30.52
C LEU B 348 0.43 3.60 -31.56
N ARG B 349 -0.61 2.86 -31.20
CA ARG B 349 -1.25 1.92 -32.12
C ARG B 349 -2.33 2.52 -33.01
N GLY B 350 -2.61 3.83 -32.87
CA GLY B 350 -3.49 4.50 -33.82
C GLY B 350 -4.95 4.23 -33.53
N GLU B 351 -5.27 3.85 -32.29
CA GLU B 351 -6.58 3.30 -31.97
C GLU B 351 -7.58 4.28 -31.33
N CYS B 352 -7.23 5.57 -31.17
CA CYS B 352 -8.00 6.48 -30.34
C CYS B 352 -9.01 7.31 -31.08
N GLY B 353 -9.37 6.91 -32.29
CA GLY B 353 -10.44 7.60 -33.01
C GLY B 353 -10.43 9.10 -32.95
N GLY B 354 -11.51 9.68 -32.43
CA GLY B 354 -11.66 11.12 -32.52
C GLY B 354 -10.65 11.89 -31.69
N TYR B 355 -9.96 11.24 -30.74
CA TYR B 355 -8.91 11.93 -29.98
C TYR B 355 -7.51 11.38 -30.33
N GLN B 356 -7.41 10.62 -31.42
CA GLN B 356 -6.13 10.09 -31.88
C GLN B 356 -5.23 11.23 -32.35
N VAL B 357 -3.99 11.21 -31.90
CA VAL B 357 -3.00 12.18 -32.35
C VAL B 357 -2.53 11.81 -33.75
N GLY B 358 -2.47 12.82 -34.62
CA GLY B 358 -1.95 12.69 -35.95
C GLY B 358 -0.84 13.71 -36.16
N PRO B 359 0.20 13.32 -36.90
CA PRO B 359 0.48 11.95 -37.38
C PRO B 359 0.68 11.02 -36.22
N THR B 360 0.65 9.73 -36.48
CA THR B 360 0.69 8.77 -35.38
C THR B 360 1.94 8.98 -34.52
N PRO B 361 1.84 9.00 -33.21
CA PRO B 361 3.05 9.15 -32.41
C PRO B 361 3.88 7.87 -32.43
N LYS B 362 5.20 8.03 -32.35
CA LYS B 362 6.11 6.90 -32.26
C LYS B 362 6.78 6.76 -30.89
N VAL B 363 6.82 7.83 -30.11
CA VAL B 363 7.48 7.87 -28.79
C VAL B 363 6.48 8.46 -27.82
N ALA B 364 6.21 7.74 -26.73
CA ALA B 364 5.27 8.19 -25.73
C ALA B 364 5.88 8.09 -24.35
N MET B 365 5.75 9.15 -23.55
CA MET B 365 6.34 9.19 -22.21
C MET B 365 5.22 9.38 -21.19
N SER B 366 5.38 8.87 -19.98
CA SER B 366 4.36 8.99 -18.95
C SER B 366 5.07 9.31 -17.63
N HIS B 367 4.31 9.93 -16.73
CA HIS B 367 4.88 10.52 -15.50
C HIS B 367 3.80 10.62 -14.44
N VAL B 368 4.05 10.05 -13.25
CA VAL B 368 3.25 10.37 -12.06
C VAL B 368 4.23 10.57 -10.91
N THR B 369 3.81 11.36 -9.89
CA THR B 369 4.68 11.58 -8.72
C THR B 369 4.05 10.86 -7.52
N GLY B 370 3.57 11.62 -6.55
CA GLY B 370 2.90 11.03 -5.40
C GLY B 370 3.58 11.51 -4.14
N GLY B 371 2.75 11.95 -3.19
CA GLY B 371 3.17 12.26 -1.85
C GLY B 371 4.04 13.50 -1.80
N GLY B 372 4.63 13.70 -0.64
CA GLY B 372 5.51 14.83 -0.48
C GLY B 372 5.42 15.39 0.91
N LEU B 373 6.14 14.80 1.83
CA LEU B 373 6.26 15.40 3.13
C LEU B 373 7.11 16.68 3.03
N SER B 374 7.06 17.45 4.10
CA SER B 374 7.86 18.67 4.26
C SER B 374 9.31 18.41 3.87
N GLY B 375 9.87 19.36 3.12
CA GLY B 375 11.25 19.23 2.73
C GLY B 375 11.46 18.37 1.51
N THR B 376 10.41 17.78 0.96
CA THR B 376 10.49 17.09 -0.33
C THR B 376 9.57 17.78 -1.31
N GLU B 377 9.88 17.64 -2.59
CA GLU B 377 8.97 18.09 -3.65
C GLU B 377 7.88 17.07 -3.87
N HIS B 378 8.27 15.79 -3.92
CA HIS B 378 7.35 14.67 -4.02
C HIS B 378 8.00 13.51 -3.27
N ALA B 379 7.19 12.54 -2.88
CA ALA B 379 7.77 11.33 -2.29
C ALA B 379 8.36 10.39 -3.35
N ALA B 380 7.71 10.31 -4.51
CA ALA B 380 8.07 9.31 -5.53
C ALA B 380 7.88 9.91 -6.90
N CYS B 381 8.53 9.31 -7.89
CA CYS B 381 8.26 9.64 -9.28
C CYS B 381 8.51 8.38 -10.08
N THR B 382 7.57 8.04 -10.97
CA THR B 382 7.73 6.90 -11.85
C THR B 382 7.50 7.39 -13.27
N MET B 383 8.43 7.11 -14.17
CA MET B 383 8.28 7.53 -15.57
C MET B 383 8.56 6.36 -16.50
N HIS B 384 7.79 6.25 -17.58
CA HIS B 384 7.98 5.23 -18.58
C HIS B 384 8.19 5.89 -19.94
N MET B 385 9.08 5.32 -20.73
CA MET B 385 9.31 5.72 -22.13
C MET B 385 8.94 4.54 -22.99
N LEU B 386 7.98 4.74 -23.90
CA LEU B 386 7.45 3.65 -24.74
C LEU B 386 7.62 4.03 -26.19
N VAL B 387 7.92 3.06 -27.04
CA VAL B 387 8.14 3.33 -28.45
C VAL B 387 7.47 2.23 -29.25
N LYS B 388 7.07 2.60 -30.47
CA LYS B 388 6.62 1.61 -31.43
C LYS B 388 7.62 0.47 -31.54
N GLY B 389 7.14 -0.79 -31.40
CA GLY B 389 8.03 -1.94 -31.49
C GLY B 389 7.77 -2.85 -32.67
N TRP B 390 6.97 -2.43 -33.62
CA TRP B 390 6.71 -3.29 -34.77
C TRP B 390 7.33 -2.64 -36.00
N GLY B 391 7.68 -3.47 -36.98
CA GLY B 391 8.31 -2.99 -38.19
C GLY B 391 7.32 -2.49 -39.21
N SER B 392 7.61 -2.76 -40.47
CA SER B 392 6.83 -2.22 -41.57
C SER B 392 6.32 -3.32 -42.50
N LYS C 14 -28.46 14.79 -0.64
CA LYS C 14 -28.35 13.93 0.54
C LYS C 14 -29.06 12.62 0.28
N GLU C 15 -28.37 11.64 -0.28
CA GLU C 15 -29.17 10.51 -0.74
C GLU C 15 -29.00 9.29 0.14
N PRO C 16 -30.09 8.57 0.39
CA PRO C 16 -30.16 7.68 1.55
C PRO C 16 -29.39 6.39 1.37
N ASP C 17 -29.03 5.80 2.51
CA ASP C 17 -28.26 4.57 2.60
C ASP C 17 -29.17 3.35 2.47
N ILE C 18 -28.57 2.24 2.07
CA ILE C 18 -29.34 1.02 1.85
C ILE C 18 -29.99 0.56 3.15
N THR C 19 -31.10 -0.15 3.01
CA THR C 19 -31.83 -0.72 4.14
C THR C 19 -32.05 -2.21 3.91
N PHE C 20 -31.47 -2.76 2.85
CA PHE C 20 -31.61 -4.15 2.43
C PHE C 20 -30.31 -4.56 1.75
N PHE C 21 -29.85 -5.77 2.04
CA PHE C 21 -28.65 -6.36 1.43
C PHE C 21 -28.98 -7.81 1.11
N HIS C 22 -29.01 -8.20 -0.18
CA HIS C 22 -28.65 -7.45 -1.38
C HIS C 22 -29.56 -8.12 -2.45
N PRO C 23 -30.13 -7.36 -3.38
CA PRO C 23 -31.04 -7.99 -4.35
C PRO C 23 -30.39 -9.03 -5.27
N ASP C 24 -29.07 -9.02 -5.37
CA ASP C 24 -28.39 -10.00 -6.23
C ASP C 24 -28.20 -11.34 -5.54
N ILE C 25 -28.44 -11.43 -4.24
CA ILE C 25 -28.27 -12.70 -3.57
C ILE C 25 -29.51 -13.10 -2.78
N LEU C 26 -30.31 -12.14 -2.34
CA LEU C 26 -31.50 -12.45 -1.55
C LEU C 26 -32.75 -11.98 -2.31
N GLU C 27 -33.57 -12.92 -2.73
CA GLU C 27 -34.82 -12.60 -3.42
C GLU C 27 -35.97 -12.53 -2.44
N VAL C 28 -36.69 -11.40 -2.43
CA VAL C 28 -37.91 -11.28 -1.63
C VAL C 28 -39.09 -11.19 -2.60
N PRO C 29 -39.83 -12.28 -2.83
CA PRO C 29 -40.96 -12.22 -3.77
C PRO C 29 -41.95 -11.14 -3.35
N LYS C 30 -42.26 -10.25 -4.29
CA LYS C 30 -43.24 -9.19 -4.02
C LYS C 30 -44.62 -9.76 -3.77
N ASP C 31 -44.94 -10.92 -4.36
CA ASP C 31 -46.17 -11.67 -4.08
C ASP C 31 -46.25 -12.12 -2.63
N GLY C 32 -45.20 -11.91 -1.83
CA GLY C 32 -45.17 -12.38 -0.46
C GLY C 32 -44.70 -13.82 -0.29
N GLY C 33 -44.25 -14.47 -1.37
CA GLY C 33 -43.66 -15.79 -1.26
C GLY C 33 -42.46 -15.81 -0.34
N LEU C 34 -42.13 -17.00 0.13
CA LEU C 34 -40.97 -17.15 1.02
C LEU C 34 -39.69 -16.65 0.35
N PRO C 35 -38.93 -15.79 1.03
CA PRO C 35 -37.65 -15.35 0.47
C PRO C 35 -36.72 -16.54 0.24
N TYR C 36 -35.75 -16.33 -0.65
CA TYR C 36 -34.70 -17.32 -0.88
C TYR C 36 -33.43 -16.69 -1.35
N LEU C 37 -32.31 -17.37 -1.04
CA LEU C 37 -31.03 -17.04 -1.61
C LEU C 37 -30.99 -17.52 -3.05
N LYS C 38 -30.28 -16.75 -3.88
CA LYS C 38 -30.18 -16.98 -5.31
C LYS C 38 -28.75 -17.41 -5.66
N GLY C 39 -28.63 -18.51 -6.39
CA GLY C 39 -27.41 -18.86 -7.07
C GLY C 39 -27.57 -18.63 -8.56
N TYR C 40 -26.47 -18.81 -9.29
CA TYR C 40 -26.48 -18.66 -10.74
C TYR C 40 -25.67 -19.79 -11.32
N ARG C 41 -26.19 -20.38 -12.37
CA ARG C 41 -25.47 -21.45 -13.05
C ARG C 41 -24.98 -20.95 -14.40
N CYS C 42 -23.69 -21.10 -14.61
CA CYS C 42 -23.08 -20.76 -15.90
C CYS C 42 -23.60 -21.65 -16.99
N LYS C 43 -24.13 -21.05 -18.07
CA LYS C 43 -24.72 -21.85 -19.16
C LYS C 43 -23.64 -22.61 -19.94
N LYS C 44 -22.40 -22.11 -19.96
CA LYS C 44 -21.35 -22.71 -20.77
C LYS C 44 -20.69 -23.90 -20.09
N CYS C 45 -20.42 -23.80 -18.80
CA CYS C 45 -19.70 -24.85 -18.07
C CYS C 45 -20.49 -25.49 -16.94
N GLY C 46 -21.65 -24.96 -16.59
CA GLY C 46 -22.49 -25.58 -15.57
C GLY C 46 -22.10 -25.26 -14.14
N GLN C 47 -21.04 -24.49 -13.89
CA GLN C 47 -20.66 -24.16 -12.54
C GLN C 47 -21.73 -23.31 -11.86
N LEU C 48 -22.06 -23.67 -10.64
CA LEU C 48 -22.98 -22.90 -9.80
C LEU C 48 -22.19 -22.03 -8.85
N ASP C 49 -22.62 -20.77 -8.70
CA ASP C 49 -21.92 -19.81 -7.83
C ASP C 49 -22.94 -18.77 -7.42
N PHE C 50 -22.55 -17.89 -6.49
CA PHE C 50 -23.36 -16.70 -6.27
C PHE C 50 -23.20 -15.75 -7.45
N LYS C 51 -23.98 -14.67 -7.45
CA LYS C 51 -23.99 -13.83 -8.66
C LYS C 51 -22.61 -13.24 -8.95
N THR C 52 -22.24 -13.30 -10.22
CA THR C 52 -21.01 -12.73 -10.72
C THR C 52 -21.19 -12.12 -12.10
N GLU C 53 -20.27 -11.24 -12.47
CA GLU C 53 -20.33 -10.63 -13.82
C GLU C 53 -19.84 -11.63 -14.86
N MET C 54 -18.83 -12.44 -14.49
N MET C 54 -18.85 -12.45 -14.49
CA MET C 54 -18.29 -13.47 -15.34
CA MET C 54 -18.33 -13.49 -15.33
C MET C 54 -17.98 -14.70 -14.50
C MET C 54 -18.05 -14.71 -14.48
N CYS C 55 -18.07 -15.86 -15.15
CA CYS C 55 -17.87 -17.15 -14.50
C CYS C 55 -16.42 -17.34 -14.09
N THR C 56 -16.17 -17.68 -12.82
CA THR C 56 -14.77 -17.82 -12.39
C THR C 56 -14.09 -19.01 -13.02
N ASN C 57 -14.87 -19.93 -13.58
CA ASN C 57 -14.29 -21.14 -14.12
C ASN C 57 -13.97 -21.00 -15.60
N CYS C 58 -14.83 -20.30 -16.35
CA CYS C 58 -14.65 -20.28 -17.80
C CYS C 58 -14.82 -18.89 -18.41
N TRP C 59 -15.11 -17.87 -17.58
CA TRP C 59 -15.23 -16.46 -17.95
C TRP C 59 -16.47 -16.14 -18.78
N SER C 60 -17.38 -17.09 -18.93
CA SER C 60 -18.64 -16.78 -19.60
C SER C 60 -19.46 -15.77 -18.81
N GLU C 61 -20.30 -15.04 -19.54
CA GLU C 61 -21.16 -14.03 -18.95
C GLU C 61 -22.64 -14.41 -19.04
N GLU C 62 -22.95 -15.66 -19.36
CA GLU C 62 -24.34 -16.07 -19.58
C GLU C 62 -24.73 -17.02 -18.47
N PHE C 63 -25.76 -16.70 -17.70
CA PHE C 63 -26.13 -17.53 -16.55
C PHE C 63 -27.63 -17.74 -16.47
N GLU C 64 -28.02 -18.74 -15.70
CA GLU C 64 -29.42 -18.91 -15.33
C GLU C 64 -29.54 -18.80 -13.83
N MET C 65 -30.58 -18.10 -13.36
CA MET C 65 -30.75 -17.92 -11.92
C MET C 65 -31.31 -19.19 -11.29
N VAL C 66 -30.78 -19.57 -10.13
CA VAL C 66 -31.13 -20.84 -9.48
C VAL C 66 -31.58 -20.54 -8.05
N PRO C 67 -32.87 -20.62 -7.72
CA PRO C 67 -33.24 -20.47 -6.31
C PRO C 67 -32.58 -21.56 -5.48
N LEU C 68 -31.97 -21.18 -4.36
CA LEU C 68 -31.26 -22.10 -3.51
C LEU C 68 -32.12 -22.55 -2.32
N SER C 69 -31.77 -23.72 -1.79
CA SER C 69 -32.42 -24.27 -0.61
C SER C 69 -32.46 -23.30 0.56
N ARG C 70 -33.63 -23.19 1.20
N ARG C 70 -33.63 -23.19 1.20
CA ARG C 70 -33.73 -22.38 2.39
CA ARG C 70 -33.76 -22.39 2.40
C ARG C 70 -33.12 -23.07 3.60
C ARG C 70 -33.15 -23.08 3.62
N ARG C 71 -32.92 -24.38 3.53
CA ARG C 71 -32.32 -25.14 4.62
C ARG C 71 -30.84 -25.36 4.32
N GLY C 72 -30.04 -25.34 5.37
CA GLY C 72 -28.58 -25.51 5.33
C GLY C 72 -28.10 -26.11 6.62
N LYS C 73 -26.80 -26.23 6.75
CA LYS C 73 -26.15 -26.85 7.91
C LYS C 73 -25.08 -25.89 8.40
N VAL C 74 -25.01 -25.63 9.69
CA VAL C 74 -23.91 -24.87 10.26
C VAL C 74 -22.61 -25.67 10.10
N TYR C 75 -21.74 -25.27 9.17
CA TYR C 75 -20.44 -25.95 9.09
C TYR C 75 -19.55 -25.51 10.26
N SER C 76 -19.46 -24.21 10.49
CA SER C 76 -18.87 -23.72 11.73
C SER C 76 -19.46 -22.37 12.08
N PHE C 77 -19.16 -21.93 13.29
CA PHE C 77 -19.72 -20.68 13.79
C PHE C 77 -18.80 -20.16 14.88
N SER C 78 -19.04 -18.94 15.28
CA SER C 78 -18.36 -18.37 16.44
C SER C 78 -19.32 -17.37 17.07
N ASP C 79 -19.30 -17.33 18.40
CA ASP C 79 -20.03 -16.35 19.20
C ASP C 79 -19.11 -15.15 19.40
N ILE C 80 -19.51 -13.97 18.91
CA ILE C 80 -18.64 -12.79 18.83
C ILE C 80 -18.93 -11.81 19.97
N TYR C 81 -17.93 -11.61 20.84
CA TYR C 81 -18.09 -10.72 22.01
C TYR C 81 -17.42 -9.39 21.81
N ILE C 82 -16.40 -9.35 20.96
CA ILE C 82 -15.73 -8.11 20.57
C ILE C 82 -15.96 -8.02 19.07
N GLY C 83 -16.77 -7.05 18.63
CA GLY C 83 -17.21 -6.97 17.27
C GLY C 83 -16.44 -5.95 16.46
N GLN C 84 -16.91 -5.71 15.24
CA GLN C 84 -16.49 -4.56 14.48
C GLN C 84 -16.84 -3.29 15.20
N GLN C 85 -16.06 -2.25 14.93
CA GLN C 85 -16.40 -0.93 15.43
C GLN C 85 -17.86 -0.63 15.10
N GLY C 86 -18.61 -0.26 16.13
CA GLY C 86 -19.97 0.19 15.97
C GLY C 86 -21.06 -0.86 16.03
N LEU C 87 -20.71 -2.15 16.04
CA LEU C 87 -21.72 -3.21 16.08
C LEU C 87 -22.06 -3.61 17.52
N ALA C 88 -23.34 -3.75 17.79
CA ALA C 88 -23.79 -4.22 19.08
C ALA C 88 -23.32 -5.66 19.28
N THR C 89 -23.02 -6.03 20.52
CA THR C 89 -22.51 -7.36 20.82
C THR C 89 -23.28 -7.96 21.99
N PRO C 90 -23.27 -9.28 22.12
CA PRO C 90 -22.69 -10.26 21.24
C PRO C 90 -23.55 -10.54 20.03
N TYR C 91 -22.90 -11.01 18.97
CA TYR C 91 -23.60 -11.59 17.85
C TYR C 91 -22.89 -12.89 17.45
N ILE C 92 -23.49 -13.58 16.49
CA ILE C 92 -23.05 -14.90 16.04
C ILE C 92 -22.98 -14.92 14.54
N PHE C 93 -21.88 -15.46 13.98
CA PHE C 93 -21.88 -15.70 12.54
C PHE C 93 -21.35 -17.09 12.24
N ALA C 94 -21.54 -17.51 11.00
CA ALA C 94 -21.29 -18.89 10.64
C ALA C 94 -20.99 -19.01 9.18
N TYR C 95 -20.31 -20.11 8.86
CA TYR C 95 -20.35 -20.68 7.50
C TYR C 95 -21.53 -21.65 7.48
N VAL C 96 -22.52 -21.38 6.62
CA VAL C 96 -23.67 -22.25 6.44
C VAL C 96 -23.54 -22.91 5.07
N ASP C 97 -23.50 -24.24 5.04
CA ASP C 97 -23.33 -24.97 3.80
C ASP C 97 -24.69 -25.42 3.27
N LEU C 98 -24.94 -25.16 1.97
CA LEU C 98 -26.21 -25.49 1.35
C LEU C 98 -26.10 -26.80 0.56
N PRO C 99 -27.22 -27.49 0.31
CA PRO C 99 -27.16 -28.74 -0.46
C PRO C 99 -26.52 -28.58 -1.83
N GLU C 100 -26.61 -27.40 -2.43
CA GLU C 100 -26.02 -27.11 -3.74
C GLU C 100 -24.50 -26.97 -3.71
N ASN C 101 -23.86 -27.26 -2.57
CA ASN C 101 -22.41 -27.26 -2.42
C ASN C 101 -21.85 -25.85 -2.47
N LEU C 102 -22.66 -24.89 -2.00
CA LEU C 102 -22.23 -23.52 -1.80
C LEU C 102 -22.23 -23.20 -0.32
N ARG C 103 -21.22 -22.43 0.08
CA ARG C 103 -21.03 -21.95 1.44
C ARG C 103 -21.37 -20.46 1.53
N VAL C 104 -22.27 -20.12 2.45
CA VAL C 104 -22.74 -18.77 2.71
C VAL C 104 -22.18 -18.30 4.04
N PHE C 105 -21.62 -17.11 4.08
CA PHE C 105 -21.32 -16.46 5.35
C PHE C 105 -22.52 -15.68 5.83
N ALA C 106 -22.96 -15.92 7.09
CA ALA C 106 -24.11 -15.16 7.57
C ALA C 106 -24.17 -15.15 9.08
N GLN C 107 -24.85 -14.14 9.62
CA GLN C 107 -25.17 -14.15 11.04
C GLN C 107 -26.20 -15.25 11.34
N LEU C 108 -26.13 -15.77 12.56
CA LEU C 108 -27.10 -16.73 13.08
C LEU C 108 -27.96 -16.04 14.12
N GLU C 109 -29.28 -16.23 14.02
CA GLU C 109 -30.18 -15.76 15.07
C GLU C 109 -30.12 -16.68 16.28
N GLY C 110 -30.04 -16.10 17.46
CA GLY C 110 -30.16 -16.91 18.65
C GLY C 110 -29.20 -16.44 19.69
N GLU C 111 -28.93 -17.30 20.66
CA GLU C 111 -28.12 -16.95 21.82
C GLU C 111 -26.75 -17.60 21.71
N VAL C 112 -25.76 -16.92 22.30
CA VAL C 112 -24.45 -17.49 22.47
C VAL C 112 -24.57 -18.81 23.23
N ASP C 113 -23.59 -19.69 23.02
CA ASP C 113 -23.48 -20.93 23.78
C ASP C 113 -24.63 -21.89 23.46
N THR C 114 -25.22 -21.82 22.26
CA THR C 114 -26.30 -22.72 21.90
C THR C 114 -26.13 -23.45 20.56
N TYR C 115 -25.25 -23.00 19.69
CA TYR C 115 -25.08 -23.65 18.39
C TYR C 115 -24.07 -24.80 18.45
N ARG C 116 -24.12 -25.66 17.42
CA ARG C 116 -23.24 -26.80 17.29
C ARG C 116 -22.93 -26.98 15.81
N CYS C 117 -21.74 -27.51 15.52
CA CYS C 117 -21.42 -27.84 14.14
C CYS C 117 -22.37 -28.89 13.62
N ASP C 118 -22.73 -28.76 12.33
CA ASP C 118 -23.60 -29.70 11.60
C ASP C 118 -25.07 -29.54 11.98
N GLU C 119 -25.40 -28.50 12.74
CA GLU C 119 -26.78 -28.19 13.08
C GLU C 119 -27.54 -27.70 11.87
N GLU C 120 -28.75 -28.23 11.65
CA GLU C 120 -29.58 -27.76 10.56
C GLU C 120 -30.20 -26.41 10.89
N VAL C 121 -30.22 -25.52 9.90
CA VAL C 121 -30.70 -24.15 10.08
C VAL C 121 -31.52 -23.75 8.85
N GLU C 122 -32.29 -22.67 9.02
CA GLU C 122 -33.20 -22.22 7.99
C GLU C 122 -33.05 -20.72 7.74
N LEU C 123 -33.19 -20.33 6.48
CA LEU C 123 -33.05 -18.92 6.10
C LEU C 123 -34.10 -18.08 6.81
N THR C 124 -33.73 -16.87 7.22
CA THR C 124 -34.68 -15.93 7.83
C THR C 124 -34.14 -14.54 7.56
N LEU C 125 -35.03 -13.56 7.54
CA LEU C 125 -34.62 -12.18 7.34
C LEU C 125 -34.54 -11.42 8.66
N GLY C 126 -33.50 -10.60 8.81
CA GLY C 126 -33.42 -9.76 9.99
C GLY C 126 -32.30 -8.73 9.89
N PRO C 127 -32.21 -7.85 10.88
CA PRO C 127 -31.24 -6.76 10.81
C PRO C 127 -29.83 -7.27 11.06
N ILE C 128 -28.88 -6.84 10.24
CA ILE C 128 -27.49 -7.21 10.43
C ILE C 128 -26.63 -6.07 10.96
N ARG C 129 -27.03 -4.82 10.80
CA ARG C 129 -26.27 -3.67 11.25
C ARG C 129 -27.15 -2.46 11.00
N MET C 130 -26.73 -1.32 11.56
CA MET C 130 -27.32 -0.02 11.29
C MET C 130 -26.64 0.61 10.08
N ASN C 131 -27.42 1.33 9.27
CA ASN C 131 -26.89 2.04 8.12
C ASN C 131 -26.54 3.46 8.54
N ASN C 132 -26.01 4.25 7.61
CA ASN C 132 -25.48 5.57 7.97
C ASN C 132 -26.58 6.57 8.31
N ASP C 133 -27.84 6.28 8.01
CA ASP C 133 -28.96 7.06 8.53
C ASP C 133 -29.50 6.46 9.83
N ASN C 134 -28.78 5.51 10.42
CA ASN C 134 -29.21 4.75 11.60
C ASN C 134 -30.60 4.15 11.42
N LEU C 135 -30.80 3.49 10.28
CA LEU C 135 -31.90 2.57 10.08
C LEU C 135 -31.34 1.16 9.87
N PRO C 136 -32.08 0.13 10.29
CA PRO C 136 -31.55 -1.24 10.15
C PRO C 136 -31.36 -1.60 8.69
N ILE C 137 -30.28 -2.35 8.43
CA ILE C 137 -30.11 -3.04 7.14
C ILE C 137 -30.64 -4.45 7.31
N ILE C 138 -31.66 -4.78 6.57
CA ILE C 138 -32.25 -6.10 6.64
C ILE C 138 -31.52 -7.01 5.65
N SER C 139 -31.11 -8.19 6.09
CA SER C 139 -30.40 -9.11 5.22
C SER C 139 -30.75 -10.56 5.57
N TYR C 140 -29.99 -11.49 5.00
CA TYR C 140 -30.19 -12.91 5.24
C TYR C 140 -29.43 -13.34 6.49
N LYS C 141 -30.10 -14.16 7.29
CA LYS C 141 -29.51 -14.79 8.46
C LYS C 141 -30.02 -16.22 8.45
N PHE C 142 -29.50 -17.05 9.34
CA PHE C 142 -30.02 -18.38 9.53
C PHE C 142 -30.40 -18.60 10.98
N LYS C 143 -31.41 -19.46 11.19
CA LYS C 143 -31.92 -19.71 12.52
C LYS C 143 -32.12 -21.20 12.74
N LYS C 144 -32.29 -21.56 14.02
CA LYS C 144 -32.54 -22.96 14.36
C LYS C 144 -33.91 -23.39 13.82
N ILE C 145 -34.01 -24.67 13.49
CA ILE C 145 -35.29 -25.24 13.07
C ILE C 145 -36.02 -25.84 14.27
N ALA C 146 -37.31 -26.11 14.12
CA ALA C 146 -38.06 -26.82 15.16
C ALA C 146 -37.70 -28.31 15.16
N MET D 1 9.95 -18.58 -5.57
CA MET D 1 10.79 -18.01 -6.70
C MET D 1 12.21 -18.59 -6.66
N LYS D 2 12.68 -19.17 -7.74
CA LYS D 2 14.08 -19.59 -7.85
C LYS D 2 15.01 -18.38 -7.87
N LEU D 3 16.08 -18.43 -7.08
CA LEU D 3 17.05 -17.34 -6.99
C LEU D 3 18.11 -17.52 -8.08
N GLN D 4 18.32 -16.51 -8.93
CA GLN D 4 19.22 -16.72 -10.08
C GLN D 4 20.69 -16.69 -9.64
N ARG D 5 20.98 -16.03 -8.51
CA ARG D 5 22.26 -16.12 -7.84
C ARG D 5 22.05 -16.09 -6.33
N GLU D 6 23.10 -16.40 -5.57
CA GLU D 6 22.95 -16.44 -4.11
C GLU D 6 22.63 -15.05 -3.56
N VAL D 7 21.80 -15.04 -2.52
CA VAL D 7 21.41 -13.83 -1.83
C VAL D 7 21.55 -14.10 -0.33
N TYR D 8 22.15 -13.14 0.39
CA TYR D 8 22.49 -13.25 1.79
C TYR D 8 21.93 -12.06 2.56
N ILE D 9 21.56 -12.34 3.81
CA ILE D 9 21.14 -11.31 4.75
C ILE D 9 22.36 -10.88 5.57
N ALA D 10 22.61 -9.56 5.58
CA ALA D 10 23.70 -8.96 6.34
C ALA D 10 23.01 -8.48 7.62
N GLY D 11 22.84 -7.19 7.98
CA GLY D 11 22.28 -6.70 9.24
C GLY D 11 20.76 -6.80 9.28
N VAL D 12 20.22 -6.96 10.49
CA VAL D 12 18.78 -6.91 10.71
C VAL D 12 18.47 -5.93 11.83
N GLY D 13 17.22 -5.51 11.87
CA GLY D 13 16.78 -4.53 12.86
C GLY D 13 15.39 -4.85 13.37
N GLU D 14 15.12 -4.46 14.59
CA GLU D 14 13.87 -4.81 15.24
C GLU D 14 13.61 -3.81 16.35
N THR D 15 12.41 -3.26 16.40
CA THR D 15 12.00 -2.48 17.56
C THR D 15 11.35 -3.42 18.58
N LYS D 16 11.25 -2.96 19.82
CA LYS D 16 10.35 -3.61 20.79
C LYS D 16 8.93 -3.48 20.24
N PHE D 17 8.07 -4.44 20.50
CA PHE D 17 6.68 -4.47 20.01
C PHE D 17 5.72 -4.21 21.17
N GLY D 18 4.60 -3.54 20.92
CA GLY D 18 3.62 -3.27 21.96
C GLY D 18 2.93 -1.97 21.62
N LYS D 19 2.44 -1.25 22.61
CA LYS D 19 1.72 0.03 22.41
C LYS D 19 2.75 1.15 22.32
N HIS D 20 3.01 1.70 21.14
CA HIS D 20 3.96 2.79 20.96
C HIS D 20 3.23 4.12 20.79
N THR D 21 3.81 5.19 21.33
CA THR D 21 3.32 6.52 21.01
C THR D 21 4.02 7.14 19.81
N VAL D 22 5.21 6.66 19.41
CA VAL D 22 5.80 7.14 18.17
C VAL D 22 5.17 6.39 17.02
N ASP D 23 5.08 7.06 15.88
CA ASP D 23 4.35 6.53 14.74
C ASP D 23 5.19 5.57 13.90
N PHE D 24 4.56 5.06 12.85
CA PHE D 24 5.14 4.01 11.99
C PHE D 24 6.43 4.45 11.36
N ASP D 25 6.59 5.74 11.07
CA ASP D 25 7.79 6.20 10.36
C ASP D 25 9.00 6.19 11.28
N VAL D 26 8.81 6.61 12.52
CA VAL D 26 9.87 6.54 13.53
C VAL D 26 10.25 5.10 13.81
N LEU D 27 9.24 4.21 14.02
CA LEU D 27 9.58 2.80 14.26
C LEU D 27 10.36 2.23 13.09
N GLY D 28 9.85 2.45 11.88
CA GLY D 28 10.55 1.96 10.69
C GLY D 28 11.97 2.50 10.57
N ARG D 29 12.16 3.78 10.83
CA ARG D 29 13.50 4.34 10.77
C ARG D 29 14.43 3.67 11.77
N GLU D 30 13.93 3.41 12.99
CA GLU D 30 14.76 2.78 14.00
C GLU D 30 15.19 1.38 13.56
N ALA D 31 14.26 0.61 13.02
CA ALA D 31 14.64 -0.75 12.57
C ALA D 31 15.58 -0.66 11.41
N ALA D 32 15.32 0.24 10.46
CA ALA D 32 16.18 0.32 9.28
C ALA D 32 17.60 0.70 9.66
N LEU D 33 17.76 1.71 10.53
CA LEU D 33 19.07 2.11 10.97
C LEU D 33 19.79 0.97 11.70
N GLN D 34 19.09 0.23 12.52
CA GLN D 34 19.69 -0.90 13.23
C GLN D 34 20.21 -1.90 12.19
N ALA D 35 19.41 -2.21 11.16
CA ALA D 35 19.80 -3.16 10.13
C ALA D 35 21.02 -2.64 9.36
N MET D 36 21.05 -1.33 9.04
CA MET D 36 22.20 -0.76 8.35
C MET D 36 23.43 -0.80 9.24
N ASN D 37 23.30 -0.44 10.52
CA ASN D 37 24.46 -0.51 11.40
CA ASN D 37 24.44 -0.51 11.43
C ASN D 37 25.00 -1.93 11.46
N GLY D 38 24.11 -2.92 11.53
CA GLY D 38 24.46 -4.33 11.54
C GLY D 38 25.05 -4.82 10.24
N SER D 39 24.99 -4.01 9.19
CA SER D 39 25.58 -4.32 7.90
C SER D 39 26.85 -3.52 7.65
N ASN D 40 27.31 -2.75 8.63
CA ASN D 40 28.49 -1.89 8.47
C ASN D 40 28.23 -0.85 7.38
N ILE D 41 26.98 -0.45 7.24
CA ILE D 41 26.57 0.64 6.38
C ILE D 41 26.55 1.91 7.21
N ASP D 42 27.42 2.84 6.88
CA ASP D 42 27.57 4.04 7.70
C ASP D 42 27.34 5.31 6.90
N ARG D 43 26.69 5.22 5.74
CA ARG D 43 26.46 6.36 4.87
C ARG D 43 25.11 6.21 4.18
N PRO D 44 24.41 7.31 3.92
CA PRO D 44 23.08 7.16 3.32
C PRO D 44 23.10 6.70 1.87
N ASP D 45 24.26 6.59 1.22
CA ASP D 45 24.26 6.41 -0.22
C ASP D 45 24.67 5.02 -0.67
N MET D 46 24.52 4.03 0.21
CA MET D 46 25.00 2.68 -0.07
C MET D 46 23.89 1.73 -0.51
N ILE D 47 22.78 1.72 0.19
CA ILE D 47 21.69 0.85 -0.23
C ILE D 47 21.15 1.32 -1.57
N GLN D 48 20.81 0.35 -2.44
CA GLN D 48 20.47 0.63 -3.83
C GLN D 48 18.99 0.52 -4.18
N SER D 49 18.18 -0.17 -3.36
CA SER D 49 16.73 -0.17 -3.52
C SER D 49 16.16 -0.51 -2.17
N ALA D 50 14.91 -0.10 -1.94
CA ALA D 50 14.22 -0.28 -0.68
C ALA D 50 12.76 -0.62 -0.96
N TYR D 51 12.23 -1.56 -0.19
CA TYR D 51 10.82 -2.00 -0.22
C TYR D 51 10.32 -1.92 1.22
N VAL D 52 9.12 -1.38 1.43
CA VAL D 52 8.57 -1.19 2.75
C VAL D 52 7.13 -1.66 2.78
N GLY D 53 6.86 -2.58 3.69
CA GLY D 53 5.54 -3.11 3.89
C GLY D 53 4.75 -2.39 4.98
N ASN D 54 3.45 -2.31 4.76
CA ASN D 54 2.56 -1.60 5.66
C ASN D 54 1.13 -2.04 5.34
N GLY D 55 0.26 -1.90 6.33
CA GLY D 55 -1.14 -2.25 6.17
C GLY D 55 -2.05 -1.08 5.99
N MET D 56 -2.11 -0.19 6.97
CA MET D 56 -3.12 0.89 7.06
C MET D 56 -2.58 2.26 7.44
N ASN D 57 -1.28 2.53 7.54
CA ASN D 57 -0.82 3.84 7.99
C ASN D 57 -0.80 4.90 6.89
N ASP D 58 -0.35 4.55 5.70
CA ASP D 58 0.15 5.59 4.81
C ASP D 58 0.33 5.04 3.41
N MET D 59 0.23 5.93 2.42
CA MET D 59 0.44 5.44 1.04
C MET D 59 1.89 5.58 0.59
N THR D 60 2.74 6.21 1.40
CA THR D 60 4.15 6.47 1.09
C THR D 60 5.02 6.11 2.30
N THR D 61 4.79 4.93 2.87
CA THR D 61 5.40 4.56 4.16
C THR D 61 6.92 4.59 4.08
N GLY D 62 7.48 3.99 3.02
CA GLY D 62 8.92 3.90 2.92
C GLY D 62 9.60 5.24 2.72
N GLN D 63 8.99 6.12 1.91
CA GLN D 63 9.55 7.46 1.81
C GLN D 63 9.49 8.21 3.16
N ALA D 64 8.46 7.97 3.94
CA ALA D 64 8.41 8.57 5.27
C ALA D 64 9.50 8.00 6.17
N VAL D 65 9.72 6.68 6.11
CA VAL D 65 10.77 6.02 6.91
C VAL D 65 12.14 6.60 6.57
N PHE D 66 12.44 6.71 5.28
CA PHE D 66 13.81 7.03 4.89
C PHE D 66 14.08 8.52 4.80
N ARG D 67 13.05 9.37 4.89
CA ARG D 67 13.20 10.81 4.75
C ARG D 67 14.25 11.36 5.70
N GLY D 68 14.13 11.02 6.98
CA GLY D 68 15.02 11.59 7.98
C GLY D 68 16.40 10.98 7.97
N LEU D 69 16.59 9.91 7.24
CA LEU D 69 17.90 9.33 7.09
C LEU D 69 18.64 9.92 5.89
N GLY D 70 18.04 10.87 5.17
CA GLY D 70 18.74 11.44 4.02
C GLY D 70 18.95 10.45 2.88
N MET D 71 18.16 9.38 2.83
CA MET D 71 18.38 8.35 1.83
C MET D 71 17.45 8.46 0.63
N CYS D 72 16.36 9.19 0.74
CA CYS D 72 15.52 9.38 -0.45
C CYS D 72 16.29 10.19 -1.47
N GLY D 73 16.14 9.80 -2.74
CA GLY D 73 16.73 10.59 -3.79
C GLY D 73 16.86 9.76 -5.06
N PRO D 74 17.61 10.24 -6.04
CA PRO D 74 17.62 9.61 -7.37
C PRO D 74 18.23 8.23 -7.38
N ASN D 75 19.04 7.87 -6.38
CA ASN D 75 19.66 6.57 -6.37
C ASN D 75 19.00 5.61 -5.40
N LEU D 76 17.81 5.95 -4.89
CA LEU D 76 17.08 5.00 -4.05
C LEU D 76 15.63 4.90 -4.50
N PRO D 77 15.32 4.00 -5.44
CA PRO D 77 13.91 3.67 -5.72
C PRO D 77 13.31 2.99 -4.51
N ILE D 78 12.22 3.56 -4.00
CA ILE D 78 11.46 3.00 -2.92
C ILE D 78 10.09 2.61 -3.46
N ILE D 79 9.69 1.38 -3.18
CA ILE D 79 8.33 0.93 -3.49
C ILE D 79 7.74 0.33 -2.24
N ASN D 80 6.51 0.71 -1.94
CA ASN D 80 5.81 0.20 -0.77
C ASN D 80 4.89 -0.94 -1.21
N VAL D 81 4.77 -1.94 -0.34
CA VAL D 81 3.99 -3.12 -0.67
C VAL D 81 2.95 -3.41 0.40
N GLN D 82 1.87 -4.10 -0.02
CA GLN D 82 0.71 -4.51 0.78
C GLN D 82 0.21 -5.89 0.33
N SER D 83 -0.12 -6.78 1.26
CA SER D 83 -0.91 -8.03 1.10
C SER D 83 -1.32 -8.41 2.51
N ALA D 84 -2.06 -7.52 3.13
CA ALA D 84 -2.43 -7.49 4.55
C ALA D 84 -1.19 -7.91 5.40
N CYS D 85 -1.17 -9.00 6.19
CA CYS D 85 -0.07 -9.46 7.04
C CYS D 85 1.14 -9.98 6.29
N SER D 86 1.05 -10.22 4.99
CA SER D 86 2.24 -10.66 4.23
C SER D 86 3.16 -9.50 3.97
N ALA D 87 2.72 -8.27 4.20
CA ALA D 87 3.45 -7.16 3.61
C ALA D 87 4.91 -7.08 4.07
N GLY D 88 5.20 -7.29 5.36
CA GLY D 88 6.59 -7.17 5.81
C GLY D 88 7.49 -8.22 5.18
N ALA D 89 6.95 -9.42 4.97
CA ALA D 89 7.73 -10.45 4.30
C ALA D 89 7.86 -10.16 2.82
N MET D 90 6.81 -9.64 2.20
CA MET D 90 6.91 -9.27 0.79
C MET D 90 7.94 -8.18 0.57
N ALA D 91 8.13 -7.28 1.54
CA ALA D 91 9.15 -6.27 1.38
C ALA D 91 10.53 -6.89 1.32
N VAL D 92 10.82 -7.83 2.21
CA VAL D 92 12.08 -8.54 2.15
C VAL D 92 12.20 -9.36 0.84
N PHE D 93 11.14 -10.06 0.46
CA PHE D 93 11.13 -10.78 -0.82
C PHE D 93 11.49 -9.88 -1.98
N CYS D 94 10.91 -8.69 -2.07
CA CYS D 94 11.21 -7.80 -3.18
C CYS D 94 12.67 -7.40 -3.16
N ALA D 95 13.21 -7.17 -1.98
CA ALA D 95 14.63 -6.81 -1.87
C ALA D 95 15.50 -7.97 -2.34
N ILE D 96 15.18 -9.19 -1.90
CA ILE D 96 15.88 -10.40 -2.34
C ILE D 96 15.87 -10.51 -3.85
N LYS D 97 14.69 -10.30 -4.45
CA LYS D 97 14.57 -10.42 -5.89
C LYS D 97 15.47 -9.44 -6.61
N ASP D 98 15.54 -8.19 -6.14
CA ASP D 98 16.42 -7.21 -6.77
C ASP D 98 17.87 -7.73 -6.79
N VAL D 99 18.33 -8.24 -5.64
CA VAL D 99 19.70 -8.76 -5.55
C VAL D 99 19.85 -10.01 -6.40
N ALA D 100 18.91 -10.95 -6.29
CA ALA D 100 19.08 -12.24 -6.99
C ALA D 100 19.18 -12.06 -8.50
N THR D 101 18.45 -11.08 -9.03
CA THR D 101 18.40 -10.78 -10.45
C THR D 101 19.54 -9.88 -10.90
N GLY D 102 20.28 -9.29 -9.96
CA GLY D 102 21.34 -8.39 -10.39
C GLY D 102 20.86 -6.97 -10.67
N VAL D 103 19.61 -6.66 -10.40
CA VAL D 103 19.14 -5.28 -10.48
C VAL D 103 19.89 -4.43 -9.46
N THR D 104 20.21 -5.01 -8.31
CA THR D 104 21.00 -4.36 -7.28
C THR D 104 22.00 -5.39 -6.75
N ASP D 105 22.97 -4.93 -5.98
CA ASP D 105 23.79 -5.81 -5.18
C ASP D 105 23.54 -5.67 -3.69
N LEU D 106 22.80 -4.66 -3.27
CA LEU D 106 22.55 -4.33 -1.87
C LEU D 106 21.20 -3.63 -1.75
N SER D 107 20.27 -4.24 -1.03
CA SER D 107 18.94 -3.69 -0.88
C SER D 107 18.46 -3.88 0.54
N ILE D 108 17.30 -3.28 0.84
CA ILE D 108 16.71 -3.41 2.17
C ILE D 108 15.21 -3.62 2.08
N GLY D 109 14.70 -4.48 2.96
CA GLY D 109 13.26 -4.64 3.17
C GLY D 109 12.90 -4.17 4.57
N VAL D 110 11.83 -3.37 4.69
CA VAL D 110 11.37 -2.88 6.00
C VAL D 110 9.90 -3.26 6.16
N GLY D 111 9.51 -3.70 7.36
CA GLY D 111 8.09 -3.84 7.67
C GLY D 111 7.76 -2.97 8.86
N THR D 112 6.69 -2.15 8.81
CA THR D 112 6.41 -1.28 9.95
C THR D 112 4.91 -1.05 10.09
N GLU D 113 4.45 -0.86 11.32
CA GLU D 113 3.04 -0.44 11.48
C GLU D 113 2.89 0.22 12.83
N ASN D 114 2.09 1.28 12.88
CA ASN D 114 1.53 1.69 14.15
C ASN D 114 0.02 1.65 14.03
N HIS D 115 -0.60 0.75 14.81
CA HIS D 115 -2.06 0.67 14.88
C HIS D 115 -2.64 1.51 16.02
N THR D 116 -2.02 1.47 17.22
CA THR D 116 -2.72 1.92 18.41
C THR D 116 -2.92 3.44 18.45
N MET D 117 -2.10 4.21 17.75
N MET D 117 -2.08 4.20 17.74
CA MET D 117 -2.31 5.65 17.75
CA MET D 117 -2.26 5.64 17.70
C MET D 117 -3.35 6.07 16.74
C MET D 117 -3.46 6.05 16.86
N HIS D 118 -4.03 5.13 16.09
CA HIS D 118 -4.91 5.48 14.98
C HIS D 118 -6.26 4.78 14.99
N ARG D 119 -6.62 4.19 16.12
CA ARG D 119 -7.86 3.45 16.23
C ARG D 119 -8.24 3.44 17.70
N GLN D 120 -9.51 3.13 17.95
CA GLN D 120 -10.01 2.89 19.30
C GLN D 120 -9.98 1.39 19.57
N SER D 121 -9.70 1.06 20.81
CA SER D 121 -9.77 -0.36 21.21
C SER D 121 -11.23 -0.74 21.51
N GLY D 122 -11.39 -1.96 21.94
CA GLY D 122 -12.73 -2.43 22.15
C GLY D 122 -13.41 -3.01 20.95
N ALA D 123 -12.69 -3.17 19.85
CA ALA D 123 -13.24 -3.70 18.61
C ALA D 123 -12.18 -4.54 17.93
N ALA D 124 -12.62 -5.55 17.18
CA ALA D 124 -11.70 -6.41 16.47
C ALA D 124 -11.56 -5.89 15.04
N PHE D 125 -10.52 -6.34 14.35
CA PHE D 125 -10.37 -6.04 12.93
C PHE D 125 -11.47 -6.68 12.11
N SER D 126 -12.05 -5.99 11.17
CA SER D 126 -13.04 -6.62 10.28
C SER D 126 -12.28 -7.47 9.24
N ALA D 127 -13.00 -7.96 8.25
CA ALA D 127 -12.40 -8.51 7.02
C ALA D 127 -12.07 -7.32 6.09
N ALA D 128 -11.82 -7.48 4.79
CA ALA D 128 -11.54 -6.34 3.91
C ALA D 128 -12.71 -5.33 3.90
N ARG D 129 -12.42 -4.04 3.81
CA ARG D 129 -13.42 -2.95 3.79
C ARG D 129 -14.50 -3.18 2.74
N SER D 130 -14.14 -3.69 1.58
CA SER D 130 -15.11 -3.92 0.50
C SER D 130 -15.68 -5.35 0.50
N ASP D 131 -15.43 -6.16 1.53
CA ASP D 131 -15.78 -7.57 1.47
C ASP D 131 -17.20 -7.85 1.93
N ILE D 132 -17.81 -8.86 1.29
CA ILE D 132 -19.19 -9.17 1.67
C ILE D 132 -19.26 -9.65 3.12
N GLU D 133 -18.25 -10.39 3.60
CA GLU D 133 -18.33 -10.89 4.97
C GLU D 133 -18.28 -9.73 5.97
N THR D 134 -17.57 -8.64 5.61
CA THR D 134 -17.53 -7.45 6.47
C THR D 134 -18.90 -6.85 6.63
N MET D 135 -19.69 -6.80 5.55
CA MET D 135 -21.08 -6.34 5.66
C MET D 135 -21.82 -7.06 6.78
N HIS D 136 -21.63 -8.38 6.89
CA HIS D 136 -22.32 -9.24 7.85
C HIS D 136 -21.66 -9.29 9.20
N GLY D 137 -20.65 -8.45 9.42
CA GLY D 137 -20.03 -8.34 10.72
C GLY D 137 -18.76 -9.16 10.91
N ALA D 138 -18.16 -9.68 9.85
CA ALA D 138 -16.99 -10.52 10.01
C ALA D 138 -15.89 -9.77 10.77
N VAL D 139 -15.26 -10.46 11.70
CA VAL D 139 -14.04 -10.01 12.36
C VAL D 139 -13.04 -11.15 12.29
N MET D 140 -11.74 -10.80 12.28
CA MET D 140 -10.72 -11.81 12.03
C MET D 140 -10.61 -12.83 13.19
N THR D 141 -10.87 -12.38 14.41
CA THR D 141 -10.97 -13.25 15.59
C THR D 141 -11.93 -14.41 15.34
N GLY D 142 -13.15 -14.08 14.92
CA GLY D 142 -14.17 -15.10 14.66
C GLY D 142 -13.87 -15.96 13.45
N LYS D 143 -13.25 -15.37 12.41
CA LYS D 143 -12.86 -16.14 11.24
C LYS D 143 -11.89 -17.27 11.61
N TYR D 144 -10.90 -16.97 12.46
CA TYR D 144 -10.03 -18.04 12.95
C TYR D 144 -10.74 -18.89 13.98
N ALA D 145 -11.57 -18.26 14.82
CA ALA D 145 -12.27 -19.05 15.84
C ALA D 145 -13.09 -20.15 15.19
N MET D 146 -13.72 -19.87 14.07
CA MET D 146 -14.53 -20.88 13.37
C MET D 146 -13.63 -22.08 13.06
N ARG D 147 -12.40 -21.90 12.73
CA ARG D 147 -11.50 -23.02 12.42
C ARG D 147 -11.27 -23.88 13.66
N ALA D 148 -11.19 -23.22 14.82
CA ALA D 148 -11.06 -23.94 16.08
C ALA D 148 -12.33 -24.69 16.44
N THR D 149 -13.49 -24.04 16.31
CA THR D 149 -14.74 -24.75 16.57
C THR D 149 -14.83 -26.02 15.73
N ARG D 150 -14.49 -25.92 14.45
CA ARG D 150 -14.60 -27.09 13.57
C ARG D 150 -13.58 -28.16 13.94
N TYR D 151 -12.35 -27.73 14.22
CA TYR D 151 -11.30 -28.65 14.65
C TYR D 151 -11.70 -29.40 15.89
N MET D 152 -12.22 -28.68 16.89
CA MET D 152 -12.70 -29.34 18.13
C MET D 152 -13.77 -30.36 17.81
N HIS D 153 -14.72 -29.98 16.95
CA HIS D 153 -15.83 -30.85 16.54
C HIS D 153 -15.31 -32.13 15.91
N GLU D 154 -14.30 -32.01 15.05
CA GLU D 154 -13.86 -33.17 14.28
C GLU D 154 -12.88 -34.05 15.04
N THR D 155 -12.13 -33.50 16.01
CA THR D 155 -11.08 -34.26 16.66
C THR D 155 -11.35 -34.53 18.14
N GLY D 156 -12.32 -33.85 18.75
CA GLY D 156 -12.51 -33.95 20.18
C GLY D 156 -11.59 -33.09 21.00
N ALA D 157 -10.63 -32.40 20.38
CA ALA D 157 -9.77 -31.45 21.10
C ALA D 157 -10.59 -30.45 21.89
N THR D 158 -10.05 -30.04 23.02
CA THR D 158 -10.71 -29.12 23.93
C THR D 158 -10.03 -27.76 23.89
N ILE D 159 -10.70 -26.77 24.50
CA ILE D 159 -10.16 -25.43 24.58
C ILE D 159 -8.86 -25.45 25.37
N GLU D 160 -8.72 -26.42 26.30
CA GLU D 160 -7.50 -26.55 27.09
C GLU D 160 -6.33 -27.02 26.24
N ASP D 161 -6.59 -27.88 25.26
CA ASP D 161 -5.56 -28.25 24.29
C ASP D 161 -5.09 -27.04 23.47
N LEU D 162 -6.01 -26.26 22.91
CA LEU D 162 -5.60 -25.08 22.15
C LEU D 162 -4.82 -24.11 23.04
N ALA D 163 -5.17 -24.02 24.32
CA ALA D 163 -4.50 -23.06 25.19
C ALA D 163 -3.01 -23.36 25.36
N MET D 164 -2.62 -24.62 25.15
CA MET D 164 -1.22 -24.97 25.32
C MET D 164 -0.32 -24.19 24.36
N ILE D 165 -0.88 -23.68 23.25
CA ILE D 165 -0.10 -22.93 22.29
C ILE D 165 0.36 -21.62 22.91
N THR D 166 -0.57 -20.92 23.59
CA THR D 166 -0.19 -19.69 24.26
C THR D 166 0.85 -19.96 25.34
N VAL D 167 0.63 -21.00 26.15
CA VAL D 167 1.56 -21.32 27.23
C VAL D 167 2.97 -21.46 26.68
N LYS D 168 3.11 -22.24 25.59
CA LYS D 168 4.43 -22.49 25.01
C LYS D 168 5.03 -21.22 24.42
N ASN D 169 4.26 -20.49 23.60
CA ASN D 169 4.81 -19.31 22.94
C ASN D 169 5.22 -18.25 23.95
N ARG D 170 4.43 -18.06 25.00
CA ARG D 170 4.79 -17.10 26.04
C ARG D 170 6.03 -17.56 26.81
N LYS D 171 6.13 -18.86 27.05
CA LYS D 171 7.34 -19.41 27.66
C LYS D 171 8.57 -19.08 26.83
N HIS D 172 8.50 -19.34 25.51
CA HIS D 172 9.59 -19.01 24.61
C HIS D 172 10.00 -17.54 24.72
N ALA D 173 9.01 -16.64 24.84
CA ALA D 173 9.29 -15.21 24.90
C ALA D 173 9.77 -14.73 26.27
N THR D 174 9.81 -15.58 27.29
CA THR D 174 10.08 -15.14 28.65
C THR D 174 11.24 -14.14 28.72
N HIS D 175 12.36 -14.47 28.09
CA HIS D 175 13.56 -13.67 28.21
C HIS D 175 13.80 -12.81 26.99
N ASN D 176 12.78 -12.58 26.22
CA ASN D 176 12.91 -11.80 24.99
C ASN D 176 12.40 -10.39 25.25
N PRO D 177 13.24 -9.37 25.28
CA PRO D 177 12.75 -8.02 25.61
C PRO D 177 11.91 -7.39 24.52
N TYR D 178 11.93 -7.91 23.28
CA TYR D 178 11.13 -7.33 22.22
C TYR D 178 9.65 -7.71 22.31
N ALA D 179 9.33 -8.85 22.93
CA ALA D 179 7.93 -9.28 22.99
C ALA D 179 7.12 -8.35 23.88
N TRP D 180 5.81 -8.33 23.63
CA TRP D 180 4.84 -7.54 24.38
C TRP D 180 4.39 -8.29 25.63
N PHE D 181 3.91 -9.50 25.42
CA PHE D 181 3.48 -10.42 26.46
C PHE D 181 4.46 -11.57 26.53
N LYS D 182 4.74 -12.05 27.74
CA LYS D 182 5.72 -13.12 27.87
C LYS D 182 5.66 -13.70 29.27
N GLY D 183 6.28 -14.87 29.42
CA GLY D 183 6.52 -15.46 30.72
C GLY D 183 5.56 -16.59 30.97
N ALA D 184 5.47 -16.98 32.23
CA ALA D 184 4.70 -18.15 32.61
C ALA D 184 3.23 -17.80 32.71
N ILE D 185 2.40 -18.56 32.00
CA ILE D 185 0.96 -18.46 32.13
C ILE D 185 0.40 -19.88 32.06
N THR D 186 -0.61 -20.15 32.87
CA THR D 186 -1.16 -21.51 32.90
C THR D 186 -2.29 -21.68 31.88
N VAL D 187 -2.55 -22.93 31.53
CA VAL D 187 -3.72 -23.25 30.72
C VAL D 187 -4.97 -22.63 31.34
N GLU D 188 -5.09 -22.70 32.67
CA GLU D 188 -6.30 -22.19 33.32
C GLU D 188 -6.44 -20.68 33.12
N GLU D 189 -5.33 -19.94 33.25
CA GLU D 189 -5.38 -18.49 33.01
C GLU D 189 -5.70 -18.16 31.55
N VAL D 190 -5.18 -18.96 30.61
CA VAL D 190 -5.53 -18.73 29.20
C VAL D 190 -7.01 -18.99 28.97
N VAL D 191 -7.52 -20.13 29.46
CA VAL D 191 -8.89 -20.52 29.17
C VAL D 191 -9.88 -19.61 29.89
N ASN D 192 -9.56 -19.14 31.10
CA ASN D 192 -10.47 -18.27 31.85
C ASN D 192 -10.34 -16.78 31.53
N SER D 193 -9.42 -16.38 30.66
CA SER D 193 -9.46 -15.00 30.18
C SER D 193 -10.74 -14.80 29.36
N ARG D 194 -11.13 -13.53 29.18
CA ARG D 194 -12.46 -13.23 28.65
C ARG D 194 -12.62 -13.75 27.23
N MET D 195 -13.80 -14.28 26.96
CA MET D 195 -14.09 -14.75 25.62
C MET D 195 -14.14 -13.56 24.64
N VAL D 196 -13.54 -13.78 23.47
CA VAL D 196 -13.47 -12.76 22.42
C VAL D 196 -14.27 -13.20 21.21
N ALA D 197 -13.96 -14.37 20.66
CA ALA D 197 -14.78 -15.03 19.63
C ALA D 197 -14.69 -16.51 19.93
N TYR D 198 -15.78 -17.08 20.43
CA TYR D 198 -15.73 -18.44 20.93
C TYR D 198 -15.16 -19.36 19.85
N PRO D 199 -14.20 -20.24 20.18
CA PRO D 199 -13.64 -20.51 21.53
C PRO D 199 -12.31 -19.80 21.82
N MET D 200 -12.03 -18.74 21.07
CA MET D 200 -10.81 -17.95 21.27
C MET D 200 -11.03 -16.96 22.42
N THR D 201 -10.37 -17.15 23.56
CA THR D 201 -10.34 -16.18 24.64
C THR D 201 -9.24 -15.15 24.39
N LEU D 202 -9.21 -14.11 25.22
CA LEU D 202 -8.25 -13.01 24.99
C LEU D 202 -6.83 -13.51 24.82
N GLN D 203 -6.39 -14.43 25.69
CA GLN D 203 -4.98 -14.81 25.68
C GLN D 203 -4.66 -15.79 24.57
N GLN D 204 -5.65 -16.16 23.75
CA GLN D 204 -5.40 -16.96 22.56
C GLN D 204 -5.39 -16.15 21.28
N CYS D 205 -5.52 -14.83 21.39
CA CYS D 205 -5.58 -13.89 20.28
C CYS D 205 -4.32 -13.05 20.24
N CYS D 206 -3.76 -12.83 19.06
CA CYS D 206 -2.60 -11.95 19.00
C CYS D 206 -3.02 -10.52 19.28
N GLY D 207 -2.10 -9.78 19.88
CA GLY D 207 -2.36 -8.39 20.16
C GLY D 207 -2.36 -7.53 18.91
N ILE D 208 -3.02 -6.39 19.02
CA ILE D 208 -2.97 -5.36 17.98
C ILE D 208 -1.87 -4.41 18.42
N ALA D 209 -0.71 -4.59 17.83
CA ALA D 209 0.56 -4.05 18.32
C ALA D 209 1.15 -3.09 17.30
N ASP D 210 2.12 -2.31 17.77
CA ASP D 210 2.97 -1.47 16.94
C ASP D 210 4.40 -2.01 16.96
N GLY D 211 5.11 -1.89 15.85
CA GLY D 211 6.52 -2.27 15.85
C GLY D 211 7.03 -2.21 14.44
N ALA D 212 8.33 -2.48 14.29
CA ALA D 212 8.94 -2.52 12.96
C ALA D 212 10.16 -3.43 12.97
N ALA D 213 10.54 -3.87 11.78
CA ALA D 213 11.75 -4.66 11.60
C ALA D 213 12.28 -4.44 10.19
N ALA D 214 13.56 -4.75 9.99
CA ALA D 214 14.21 -4.49 8.71
C ALA D 214 15.28 -5.53 8.48
N VAL D 215 15.55 -5.78 7.20
CA VAL D 215 16.47 -6.82 6.75
C VAL D 215 17.26 -6.25 5.57
N VAL D 216 18.59 -6.20 5.69
CA VAL D 216 19.45 -5.83 4.57
C VAL D 216 19.89 -7.11 3.86
N VAL D 217 19.80 -7.13 2.53
CA VAL D 217 20.25 -8.29 1.74
C VAL D 217 21.25 -7.83 0.69
N GLY D 218 22.14 -8.75 0.30
CA GLY D 218 23.10 -8.42 -0.74
C GLY D 218 23.70 -9.67 -1.34
N SER D 219 24.53 -9.45 -2.34
CA SER D 219 25.18 -10.53 -3.04
C SER D 219 26.32 -11.06 -2.19
N LYS D 220 26.91 -12.17 -2.59
CA LYS D 220 28.04 -12.82 -1.89
C LYS D 220 29.17 -11.81 -1.89
N GLU D 221 29.45 -11.16 -3.01
CA GLU D 221 30.55 -10.18 -3.05
C GLU D 221 30.28 -9.02 -2.10
N MET D 222 29.04 -8.55 -2.05
CA MET D 222 28.67 -7.42 -1.17
C MET D 222 28.85 -7.77 0.31
N MET D 223 28.48 -9.00 0.73
CA MET D 223 28.78 -9.43 2.09
C MET D 223 30.28 -9.29 2.40
N LYS D 224 31.12 -9.76 1.48
CA LYS D 224 32.55 -9.65 1.72
C LYS D 224 32.98 -8.19 1.76
N LYS D 225 32.47 -7.39 0.85
CA LYS D 225 32.80 -5.95 0.74
C LYS D 225 32.45 -5.26 2.06
N LEU D 226 31.38 -5.70 2.72
CA LEU D 226 30.93 -5.09 3.94
C LEU D 226 31.48 -5.74 5.19
N GLY D 227 32.26 -6.81 5.05
CA GLY D 227 32.82 -7.48 6.22
C GLY D 227 31.77 -8.17 7.08
N ILE D 228 30.75 -8.77 6.46
CA ILE D 228 29.71 -9.43 7.23
C ILE D 228 30.22 -10.78 7.75
N ALA D 229 30.18 -10.96 9.07
CA ALA D 229 30.79 -12.15 9.64
C ALA D 229 29.91 -13.39 9.55
N LYS D 230 28.60 -13.22 9.65
CA LYS D 230 27.66 -14.35 9.69
C LYS D 230 26.52 -14.13 8.68
N PRO D 231 26.86 -14.00 7.41
CA PRO D 231 25.81 -13.88 6.39
C PRO D 231 24.88 -15.08 6.37
N VAL D 232 23.58 -14.77 6.33
CA VAL D 232 22.55 -15.79 6.32
C VAL D 232 22.05 -15.93 4.89
N LYS D 233 22.09 -17.16 4.41
CA LYS D 233 21.78 -17.43 3.01
C LYS D 233 20.30 -17.61 2.86
N VAL D 234 19.73 -16.97 1.85
CA VAL D 234 18.33 -17.21 1.51
C VAL D 234 18.28 -18.50 0.70
N ALA D 235 17.77 -19.58 1.32
CA ALA D 235 17.69 -20.85 0.61
C ALA D 235 16.46 -20.93 -0.27
N GLY D 236 15.42 -20.19 0.07
CA GLY D 236 14.24 -20.10 -0.77
C GLY D 236 13.27 -19.09 -0.23
N VAL D 237 12.37 -18.69 -1.11
CA VAL D 237 11.33 -17.76 -0.71
C VAL D 237 10.23 -17.88 -1.71
N VAL D 238 8.99 -17.88 -1.23
CA VAL D 238 7.85 -18.20 -2.09
C VAL D 238 6.71 -17.28 -1.70
N VAL D 239 6.03 -16.73 -2.71
CA VAL D 239 4.83 -15.93 -2.57
C VAL D 239 3.72 -16.61 -3.36
N GLU D 240 2.53 -16.75 -2.76
CA GLU D 240 1.35 -17.26 -3.46
C GLU D 240 0.16 -16.37 -3.15
N SER D 241 -0.86 -16.44 -3.98
CA SER D 241 -2.18 -15.93 -3.67
C SER D 241 -3.10 -17.12 -3.33
N GLY D 242 -4.13 -16.86 -2.53
CA GLY D 242 -5.00 -17.93 -2.09
C GLY D 242 -6.11 -18.27 -3.06
N PRO D 243 -6.33 -19.56 -3.27
CA PRO D 243 -7.45 -20.02 -4.08
C PRO D 243 -8.75 -19.44 -3.57
N TYR D 244 -9.60 -19.08 -4.52
CA TYR D 244 -10.90 -18.46 -4.22
C TYR D 244 -12.02 -19.36 -4.74
N HIS D 245 -13.01 -19.66 -3.91
CA HIS D 245 -14.21 -20.35 -4.36
C HIS D 245 -15.21 -20.30 -3.21
N ASN D 246 -16.45 -20.65 -3.51
CA ASN D 246 -17.49 -20.65 -2.48
C ASN D 246 -17.98 -22.04 -2.15
N ARG D 247 -17.10 -23.02 -2.28
CA ARG D 247 -17.39 -24.41 -2.01
C ARG D 247 -17.07 -24.74 -0.56
N PRO D 248 -17.51 -25.87 -0.07
CA PRO D 248 -17.26 -26.16 1.37
C PRO D 248 -15.86 -26.69 1.66
N ARG D 249 -14.89 -25.80 1.70
CA ARG D 249 -13.51 -26.24 1.96
C ARG D 249 -13.38 -26.67 3.41
N ASP D 250 -12.45 -27.58 3.66
CA ASP D 250 -12.06 -28.02 5.00
C ASP D 250 -11.22 -26.93 5.61
N ILE D 251 -11.80 -26.16 6.53
CA ILE D 251 -11.02 -25.06 7.11
C ILE D 251 -10.06 -25.54 8.18
N THR D 252 -10.03 -26.84 8.50
CA THR D 252 -8.96 -27.33 9.34
C THR D 252 -7.69 -27.61 8.54
N GLY D 253 -7.80 -27.67 7.21
CA GLY D 253 -6.65 -27.56 6.33
C GLY D 253 -6.43 -26.09 5.97
N ASP D 254 -5.53 -25.86 4.99
CA ASP D 254 -5.15 -24.48 4.67
C ASP D 254 -4.52 -24.56 3.27
N ASP D 255 -5.32 -24.32 2.24
CA ASP D 255 -4.86 -24.66 0.89
C ASP D 255 -3.54 -23.96 0.60
N ILE D 256 -3.47 -22.64 0.83
CA ILE D 256 -2.30 -21.90 0.44
C ILE D 256 -1.09 -22.20 1.34
N THR D 257 -1.27 -22.44 2.63
CA THR D 257 -0.09 -22.76 3.44
C THR D 257 0.49 -24.11 3.02
N GLU D 258 -0.38 -25.05 2.68
CA GLU D 258 0.08 -26.35 2.22
C GLU D 258 0.89 -26.20 0.94
N THR D 259 0.37 -25.44 -0.04
CA THR D 259 1.05 -25.42 -1.33
C THR D 259 2.29 -24.53 -1.27
N THR D 260 2.22 -23.42 -0.50
CA THR D 260 3.39 -22.54 -0.39
C THR D 260 4.51 -23.28 0.32
N SER D 261 4.22 -24.01 1.40
N SER D 261 4.20 -23.98 1.42
CA SER D 261 5.32 -24.68 2.09
CA SER D 261 5.24 -24.73 2.12
C SER D 261 5.90 -25.79 1.23
C SER D 261 5.89 -25.74 1.19
N GLU D 262 5.07 -26.54 0.51
CA GLU D 262 5.59 -27.55 -0.39
C GLU D 262 6.51 -26.93 -1.47
N LYS D 263 6.08 -25.83 -2.07
CA LYS D 263 6.92 -25.18 -3.09
C LYS D 263 8.25 -24.73 -2.51
N LEU D 264 8.21 -24.17 -1.30
CA LEU D 264 9.44 -23.75 -0.62
C LEU D 264 10.35 -24.95 -0.39
N TYR D 265 9.78 -26.08 0.05
CA TYR D 265 10.62 -27.25 0.23
C TYR D 265 11.23 -27.67 -1.10
N GLU D 266 10.45 -27.60 -2.18
CA GLU D 266 10.94 -28.10 -3.46
C GLU D 266 12.05 -27.22 -4.00
N GLU D 267 11.84 -25.89 -3.94
CA GLU D 267 12.80 -24.94 -4.51
C GLU D 267 14.08 -24.86 -3.67
N SER D 268 13.93 -24.95 -2.37
CA SER D 268 15.10 -24.85 -1.52
C SER D 268 15.85 -26.15 -1.44
N GLY D 269 15.20 -27.27 -1.69
CA GLY D 269 15.82 -28.56 -1.48
C GLY D 269 15.90 -28.96 -0.03
N ILE D 270 15.13 -28.32 0.82
CA ILE D 270 15.11 -28.58 2.25
C ILE D 270 13.70 -28.98 2.65
N GLY D 271 13.58 -30.13 3.30
CA GLY D 271 12.30 -30.67 3.67
C GLY D 271 11.89 -30.18 5.04
N PRO D 272 10.60 -30.35 5.37
CA PRO D 272 10.10 -29.86 6.67
C PRO D 272 10.80 -30.48 7.88
N LYS D 273 11.18 -31.75 7.84
CA LYS D 273 11.85 -32.40 8.98
C LYS D 273 13.26 -31.87 9.20
N GLU D 274 13.78 -31.06 8.29
CA GLU D 274 15.11 -30.46 8.41
C GLU D 274 15.06 -29.06 8.99
N VAL D 275 13.86 -28.50 9.19
CA VAL D 275 13.71 -27.15 9.72
C VAL D 275 13.89 -27.21 11.23
N ASN D 276 14.78 -26.35 11.76
CA ASN D 276 15.15 -26.35 13.17
C ASN D 276 14.32 -25.37 13.99
N ILE D 277 13.96 -24.22 13.41
CA ILE D 277 13.09 -23.24 14.04
C ILE D 277 12.14 -22.73 12.97
N LEU D 278 10.96 -22.29 13.43
CA LEU D 278 9.87 -21.84 12.56
C LEU D 278 9.12 -20.71 13.26
N GLU D 279 9.01 -19.57 12.56
CA GLU D 279 8.12 -18.48 12.98
C GLU D 279 6.95 -18.52 12.02
N LEU D 280 5.75 -18.71 12.52
CA LEU D 280 4.61 -18.82 11.60
C LEU D 280 3.53 -17.84 12.00
N HIS D 281 2.42 -17.87 11.28
CA HIS D 281 1.37 -16.88 11.50
C HIS D 281 0.46 -17.36 12.63
N ASP D 282 0.96 -17.36 13.86
CA ASP D 282 0.18 -17.76 15.06
C ASP D 282 -0.72 -16.61 15.53
N ALA D 283 -1.62 -16.16 14.64
CA ALA D 283 -2.51 -15.04 15.00
C ALA D 283 -3.48 -15.43 16.09
N PHE D 284 -3.79 -16.72 16.16
CA PHE D 284 -4.65 -17.36 17.15
C PHE D 284 -3.99 -18.70 17.42
N THR D 285 -4.25 -19.23 18.61
CA THR D 285 -3.69 -20.52 19.00
C THR D 285 -3.97 -21.60 17.96
N ILE D 286 -5.24 -21.69 17.50
CA ILE D 286 -5.57 -22.72 16.53
C ILE D 286 -4.70 -22.69 15.28
N ALA D 287 -4.25 -21.51 14.84
CA ALA D 287 -3.49 -21.45 13.60
C ALA D 287 -2.19 -22.23 13.71
N GLU D 288 -1.47 -22.08 14.80
CA GLU D 288 -0.20 -22.79 14.92
C GLU D 288 -0.45 -24.28 14.89
N LEU D 289 -1.44 -24.75 15.63
CA LEU D 289 -1.68 -26.17 15.73
C LEU D 289 -2.03 -26.77 14.39
N LEU D 290 -2.89 -26.07 13.64
CA LEU D 290 -3.25 -26.55 12.31
C LEU D 290 -2.04 -26.58 11.40
N TYR D 291 -1.15 -25.58 11.51
CA TYR D 291 -0.04 -25.50 10.56
C TYR D 291 1.02 -26.56 10.79
N TYR D 292 1.08 -27.18 11.98
CA TYR D 292 1.97 -28.34 12.12
C TYR D 292 1.69 -29.37 11.04
N GLU D 293 0.41 -29.68 10.83
CA GLU D 293 0.07 -30.64 9.80
C GLU D 293 0.13 -30.01 8.40
N CYS D 294 -0.38 -28.80 8.21
CA CYS D 294 -0.39 -28.20 6.87
C CYS D 294 1.02 -28.08 6.31
N MET D 295 2.00 -27.79 7.15
CA MET D 295 3.36 -27.59 6.70
C MET D 295 4.17 -28.88 6.70
N GLY D 296 3.57 -30.00 7.10
CA GLY D 296 4.22 -31.27 7.00
C GLY D 296 5.25 -31.54 8.07
N LEU D 297 5.22 -30.79 9.16
CA LEU D 297 6.08 -31.10 10.31
C LEU D 297 5.76 -32.47 10.90
N CYS D 298 4.50 -32.89 10.84
CA CYS D 298 4.07 -34.19 11.32
C CYS D 298 3.03 -34.70 10.34
N LYS D 299 2.64 -35.96 10.52
CA LYS D 299 1.69 -36.64 9.66
C LYS D 299 0.26 -36.15 9.95
N LYS D 300 -0.63 -36.39 9.00
CA LYS D 300 -2.04 -36.11 9.21
C LYS D 300 -2.52 -36.72 10.53
N GLY D 301 -3.27 -35.93 11.30
CA GLY D 301 -3.83 -36.37 12.56
C GLY D 301 -2.92 -36.25 13.78
N ASP D 302 -1.65 -35.95 13.60
CA ASP D 302 -0.69 -35.93 14.70
C ASP D 302 -0.37 -34.54 15.23
N GLY D 303 -1.06 -33.49 14.78
CA GLY D 303 -0.72 -32.13 15.24
C GLY D 303 -0.75 -31.98 16.75
N LEU D 304 -1.80 -32.46 17.39
CA LEU D 304 -1.89 -32.31 18.85
C LEU D 304 -0.90 -33.22 19.57
N LYS D 305 -0.68 -34.44 19.08
CA LYS D 305 0.40 -35.29 19.61
C LYS D 305 1.77 -34.59 19.49
N PHE D 306 2.05 -34.03 18.33
CA PHE D 306 3.26 -33.22 18.10
C PHE D 306 3.41 -32.17 19.20
N LEU D 307 2.33 -31.46 19.52
CA LEU D 307 2.41 -30.43 20.56
C LEU D 307 2.61 -31.05 21.92
N ARG D 308 1.76 -32.01 22.25
CA ARG D 308 1.81 -32.60 23.57
C ARG D 308 3.14 -33.31 23.83
N ASP D 309 3.80 -33.80 22.78
CA ASP D 309 5.05 -34.54 22.96
C ASP D 309 6.25 -33.62 23.06
N GLY D 310 6.05 -32.33 22.95
CA GLY D 310 7.15 -31.39 23.04
C GLY D 310 7.90 -31.16 21.76
N GLN D 311 7.37 -31.63 20.63
CA GLN D 311 8.14 -31.59 19.39
C GLN D 311 8.24 -30.19 18.80
N SER D 312 7.44 -29.24 19.29
CA SER D 312 7.47 -27.87 18.80
C SER D 312 8.10 -26.91 19.80
N THR D 313 8.73 -27.43 20.86
CA THR D 313 9.41 -26.57 21.82
C THR D 313 10.85 -27.04 21.95
N TYR D 314 11.60 -26.45 22.87
CA TYR D 314 13.01 -26.74 23.06
C TYR D 314 13.23 -28.24 23.15
N GLY D 315 14.23 -28.75 22.43
CA GLY D 315 14.55 -30.15 22.48
C GLY D 315 13.76 -31.00 21.51
N GLY D 316 12.77 -30.45 20.84
CA GLY D 316 11.95 -31.20 19.90
C GLY D 316 12.43 -31.09 18.47
N GLN D 317 11.62 -31.62 17.56
CA GLN D 317 11.98 -31.62 16.15
C GLN D 317 12.19 -30.23 15.61
N CYS D 318 11.34 -29.29 16.00
CA CYS D 318 11.37 -27.95 15.45
C CYS D 318 10.87 -27.00 16.51
N VAL D 319 11.69 -26.06 16.98
CA VAL D 319 11.18 -25.08 17.92
C VAL D 319 10.32 -24.10 17.13
N VAL D 320 9.01 -24.14 17.37
CA VAL D 320 8.07 -23.24 16.70
C VAL D 320 7.80 -22.02 17.59
N SER D 321 7.85 -20.84 16.99
CA SER D 321 7.64 -19.57 17.69
C SER D 321 8.71 -19.36 18.76
N PRO D 322 10.00 -19.59 18.46
CA PRO D 322 11.01 -19.36 19.50
C PRO D 322 11.09 -17.89 19.96
N ARG D 323 10.79 -16.92 19.11
CA ARG D 323 10.76 -15.55 19.60
C ARG D 323 9.54 -15.29 20.47
N GLY D 324 8.53 -16.16 20.45
CA GLY D 324 7.28 -15.98 21.15
C GLY D 324 6.08 -15.88 20.21
N GLY D 325 6.33 -15.71 18.92
CA GLY D 325 5.30 -15.69 17.88
C GLY D 325 4.47 -14.42 17.98
N LEU D 326 3.42 -14.38 17.15
CA LEU D 326 2.44 -13.31 17.22
C LEU D 326 1.70 -13.29 18.56
N LEU D 327 1.54 -14.46 19.21
CA LEU D 327 0.88 -14.53 20.51
C LEU D 327 1.68 -13.88 21.63
N SER D 328 2.96 -13.55 21.42
CA SER D 328 3.74 -12.79 22.39
C SER D 328 4.12 -11.39 21.91
N TYR D 329 4.44 -11.21 20.64
CA TYR D 329 4.79 -9.89 20.13
C TYR D 329 3.57 -9.03 19.92
N GLY D 330 2.42 -9.65 19.74
CA GLY D 330 1.32 -9.01 19.05
C GLY D 330 1.67 -8.90 17.58
N HIS D 331 0.79 -8.28 16.81
CA HIS D 331 0.90 -8.36 15.35
C HIS D 331 0.59 -7.01 14.72
N PRO D 332 1.62 -6.17 14.52
CA PRO D 332 1.48 -4.99 13.64
C PRO D 332 1.50 -5.46 12.20
N ILE D 333 0.40 -5.26 11.47
CA ILE D 333 0.17 -5.95 10.21
C ILE D 333 1.40 -5.88 9.29
N GLY D 334 1.92 -4.67 9.07
CA GLY D 334 3.01 -4.50 8.13
C GLY D 334 4.36 -4.98 8.63
N ALA D 335 4.52 -5.16 9.94
CA ALA D 335 5.82 -5.49 10.53
C ALA D 335 6.11 -6.98 10.68
N SER D 336 5.12 -7.83 10.98
CA SER D 336 5.40 -9.18 11.47
C SER D 336 6.23 -9.99 10.47
N GLY D 337 5.91 -9.90 9.18
CA GLY D 337 6.64 -10.68 8.19
C GLY D 337 8.12 -10.37 8.15
N ALA D 338 8.50 -9.13 8.41
CA ALA D 338 9.93 -8.80 8.47
C ALA D 338 10.53 -9.17 9.82
N ALA D 339 9.77 -9.00 10.91
CA ALA D 339 10.25 -9.26 12.26
C ALA D 339 10.58 -10.75 12.46
N GLN D 340 9.77 -11.65 11.89
CA GLN D 340 10.07 -13.09 11.94
C GLN D 340 11.45 -13.36 11.38
N ILE D 341 11.77 -12.71 10.27
CA ILE D 341 13.04 -12.94 9.61
C ILE D 341 14.18 -12.37 10.45
N ALA D 342 14.02 -11.16 11.00
CA ALA D 342 15.08 -10.59 11.84
C ALA D 342 15.42 -11.50 13.02
N GLN D 343 14.40 -12.05 13.70
CA GLN D 343 14.64 -12.94 14.83
C GLN D 343 15.18 -14.29 14.39
N ASN D 344 14.72 -14.82 13.24
CA ASN D 344 15.30 -16.07 12.75
C ASN D 344 16.79 -15.90 12.48
N VAL D 345 17.16 -14.76 11.91
CA VAL D 345 18.56 -14.48 11.63
C VAL D 345 19.37 -14.49 12.94
N LYS D 346 18.84 -13.80 13.96
CA LYS D 346 19.56 -13.70 15.22
C LYS D 346 19.72 -15.08 15.84
N GLN D 347 18.71 -15.95 15.66
CA GLN D 347 18.81 -17.28 16.24
C GLN D 347 19.88 -18.09 15.53
N LEU D 348 19.91 -18.01 14.20
CA LEU D 348 20.95 -18.65 13.42
C LEU D 348 22.32 -18.16 13.84
N ARG D 349 22.41 -16.91 14.25
CA ARG D 349 23.69 -16.35 14.61
C ARG D 349 24.06 -16.58 16.06
N GLY D 350 23.19 -17.21 16.84
CA GLY D 350 23.47 -17.43 18.25
C GLY D 350 23.34 -16.19 19.10
N GLU D 351 22.54 -15.22 18.69
CA GLU D 351 22.54 -13.90 19.31
C GLU D 351 21.34 -13.66 20.21
N CYS D 352 20.57 -14.68 20.58
CA CYS D 352 19.32 -14.45 21.29
C CYS D 352 19.41 -14.70 22.78
N GLY D 353 20.61 -14.79 23.32
CA GLY D 353 20.79 -14.77 24.74
C GLY D 353 19.92 -15.78 25.47
N GLY D 354 19.11 -15.30 26.41
CA GLY D 354 18.33 -16.18 27.25
C GLY D 354 17.21 -16.92 26.54
N TYR D 355 16.87 -16.54 25.30
CA TYR D 355 15.88 -17.28 24.53
C TYR D 355 16.50 -17.93 23.28
N GLN D 356 17.82 -18.09 23.30
CA GLN D 356 18.53 -18.76 22.22
C GLN D 356 18.25 -20.26 22.19
N VAL D 357 17.89 -20.73 21.01
CA VAL D 357 17.66 -22.15 20.78
C VAL D 357 18.98 -22.89 20.78
N GLY D 358 19.05 -24.01 21.50
CA GLY D 358 20.16 -24.91 21.44
C GLY D 358 19.74 -26.30 21.02
N PRO D 359 20.58 -27.00 20.23
CA PRO D 359 21.81 -26.52 19.58
C PRO D 359 21.49 -25.36 18.62
N THR D 360 22.48 -24.55 18.26
CA THR D 360 22.21 -23.42 17.38
C THR D 360 21.49 -23.90 16.13
N PRO D 361 20.38 -23.27 15.74
CA PRO D 361 19.68 -23.73 14.55
C PRO D 361 20.51 -23.43 13.31
N LYS D 362 20.43 -24.35 12.33
CA LYS D 362 21.05 -24.13 11.01
C LYS D 362 20.04 -23.81 9.90
N VAL D 363 18.75 -24.13 10.09
CA VAL D 363 17.69 -23.95 9.10
C VAL D 363 16.51 -23.32 9.83
N ALA D 364 16.06 -22.17 9.33
CA ALA D 364 15.00 -21.38 9.92
C ALA D 364 13.99 -21.02 8.84
N MET D 365 12.72 -21.31 9.09
CA MET D 365 11.60 -21.05 8.16
C MET D 365 10.69 -19.98 8.77
N SER D 366 10.04 -19.18 7.93
CA SER D 366 9.04 -18.23 8.42
C SER D 366 7.87 -18.20 7.45
N HIS D 367 6.74 -17.69 7.97
CA HIS D 367 5.41 -17.81 7.34
C HIS D 367 4.50 -16.72 7.86
N VAL D 368 3.95 -15.96 6.94
CA VAL D 368 2.87 -15.03 7.20
C VAL D 368 1.85 -15.16 6.07
N THR D 369 0.60 -14.88 6.39
CA THR D 369 -0.45 -14.97 5.38
C THR D 369 -1.00 -13.58 4.99
N GLY D 370 -2.20 -13.27 5.39
CA GLY D 370 -2.82 -12.01 5.00
C GLY D 370 -4.19 -12.34 4.51
N GLY D 371 -5.20 -11.79 5.16
CA GLY D 371 -6.54 -12.23 4.78
C GLY D 371 -7.62 -11.17 4.70
N GLY D 372 -8.83 -11.60 4.99
CA GLY D 372 -10.03 -10.76 4.94
C GLY D 372 -10.78 -10.80 3.64
N LEU D 373 -10.42 -11.71 2.76
CA LEU D 373 -11.02 -11.78 1.44
C LEU D 373 -11.94 -12.97 1.42
N SER D 374 -13.21 -12.75 1.21
CA SER D 374 -14.15 -13.88 1.26
C SER D 374 -13.83 -14.94 0.18
N GLY D 375 -14.13 -16.20 0.50
CA GLY D 375 -13.85 -17.32 -0.42
C GLY D 375 -12.40 -17.77 -0.47
N THR D 376 -11.52 -17.15 0.28
CA THR D 376 -10.13 -17.53 0.43
C THR D 376 -9.89 -17.81 1.90
N GLU D 377 -9.04 -18.79 2.20
CA GLU D 377 -8.66 -18.92 3.61
C GLU D 377 -7.72 -17.78 3.98
N HIS D 378 -6.83 -17.43 3.02
CA HIS D 378 -5.91 -16.28 3.07
C HIS D 378 -5.80 -15.75 1.66
N ALA D 379 -5.73 -14.43 1.55
CA ALA D 379 -5.47 -13.79 0.26
C ALA D 379 -4.06 -14.06 -0.24
N ALA D 380 -3.10 -14.13 0.68
CA ALA D 380 -1.69 -14.24 0.33
C ALA D 380 -0.94 -15.07 1.35
N CYS D 381 0.23 -15.55 0.93
CA CYS D 381 1.15 -16.27 1.82
C CYS D 381 2.56 -16.01 1.33
N THR D 382 3.46 -15.71 2.25
CA THR D 382 4.87 -15.56 1.94
C THR D 382 5.67 -16.39 2.93
N MET D 383 6.58 -17.26 2.44
CA MET D 383 7.43 -18.06 3.32
C MET D 383 8.89 -17.95 2.90
N HIS D 384 9.80 -17.82 3.89
CA HIS D 384 11.23 -17.76 3.62
C HIS D 384 11.90 -18.96 4.27
N MET D 385 12.90 -19.51 3.58
CA MET D 385 13.76 -20.57 4.14
C MET D 385 15.16 -19.99 4.22
N LEU D 386 15.72 -19.96 5.42
CA LEU D 386 17.03 -19.35 5.63
C LEU D 386 17.98 -20.36 6.25
N VAL D 387 19.25 -20.27 5.91
CA VAL D 387 20.23 -21.20 6.41
C VAL D 387 21.53 -20.48 6.74
N LYS D 388 22.28 -21.11 7.63
CA LYS D 388 23.64 -20.66 7.90
C LYS D 388 24.42 -20.49 6.63
N GLY D 389 25.10 -19.36 6.51
CA GLY D 389 25.90 -19.07 5.32
C GLY D 389 27.34 -18.75 5.53
N TRP D 390 27.86 -19.06 6.72
CA TRP D 390 29.26 -18.86 7.04
C TRP D 390 29.81 -20.23 7.40
N GLY D 391 30.97 -20.53 6.86
CA GLY D 391 31.56 -21.82 7.06
C GLY D 391 32.24 -21.92 8.38
N SER D 392 32.67 -23.13 8.68
CA SER D 392 33.56 -23.37 9.79
C SER D 392 34.66 -24.31 9.34
ZN ZN E . 26.90 16.16 8.70
O1 PE8 F . 16.74 35.93 3.06
C2 PE8 F . 17.38 35.91 1.81
C3 PE8 F . 16.49 35.28 0.73
O4 PE8 F . 16.71 35.88 -0.51
C5 PE8 F . 18.06 36.21 -0.76
C6 PE8 F . 18.18 37.27 -1.85
O7 PE8 F . 17.12 37.17 -2.77
C8 PE8 F . 16.95 38.29 -3.59
C9 PE8 F . 15.46 38.57 -3.70
O10 PE8 F . 15.29 39.75 -4.42
C11 PE8 F . 14.43 40.72 -3.87
C12 PE8 F . 15.31 41.84 -3.32
O13 PE8 F . 14.48 42.76 -2.70
C14 PE8 F . 14.22 42.49 -1.35
C15 PE8 F . 15.04 43.44 -0.48
O16 PE8 F . 15.88 42.65 0.31
C17 PE8 F . 16.59 43.34 1.29
C18 PE8 F . 17.71 42.45 1.83
O19 PE8 F . 17.73 41.26 1.10
C20 PE8 F . 18.21 40.17 1.82
C21 PE8 F . 18.23 38.96 0.90
O22 PE8 F . 19.33 38.16 1.20
P PO4 G . -11.58 30.82 -24.72
O1 PO4 G . -11.72 29.75 -23.65
O2 PO4 G . -11.53 32.19 -24.09
O3 PO4 G . -10.29 30.51 -25.46
O4 PO4 G . -12.78 30.72 -25.64
P PO4 H . -16.56 2.55 3.60
O1 PO4 H . -16.73 1.73 4.85
O2 PO4 H . -17.44 3.79 3.65
O3 PO4 H . -15.11 2.95 3.50
O4 PO4 H . -16.94 1.69 2.42
MG MG I . -4.68 -21.20 -17.56
O1 PE8 J . -9.91 -20.21 -20.27
C2 PE8 J . -10.21 -19.03 -19.60
C3 PE8 J . -11.07 -19.35 -18.39
O4 PE8 J . -10.49 -18.86 -17.22
C5 PE8 J . -9.71 -19.78 -16.53
C6 PE8 J . -9.13 -19.15 -15.28
O7 PE8 J . -8.47 -20.16 -14.55
C8 PE8 J . -7.14 -19.91 -14.27
C9 PE8 J . -6.48 -21.22 -13.83
O10 PE8 J . -6.51 -22.11 -14.91
C11 PE8 J . -6.41 -23.45 -14.57
C12 PE8 J . -6.18 -24.26 -15.86
O13 PE8 J . -6.77 -25.52 -15.72
C14 PE8 J . -5.92 -26.59 -16.05
C15 PE8 J . -6.51 -27.87 -15.47
O16 PE8 J . -5.48 -28.56 -14.82
C17 PE8 J . -5.92 -29.56 -13.95
C18 PE8 J . -5.79 -29.10 -12.51
O19 PE8 J . -4.51 -29.33 -12.02
C20 PE8 J . -4.22 -28.73 -10.78
C21 PE8 J . -2.74 -28.42 -10.66
O22 PE8 J . -2.58 -27.12 -10.14
ZN ZN K . -18.55 -21.14 -16.70
O1 PE8 L . -22.40 -0.37 5.68
C2 PE8 L . -21.12 -0.93 5.21
C3 PE8 L . -20.03 -1.82 5.82
O4 PE8 L . -19.64 -2.90 4.97
C5 PE8 L . -19.08 -2.77 3.69
C6 PE8 L . -18.99 -4.08 2.91
O7 PE8 L . -19.91 -4.10 1.87
C8 PE8 L . -19.63 -5.10 0.94
C9 PE8 L . -20.62 -5.11 -0.22
O10 PE8 L . -20.39 -6.29 -0.97
C11 PE8 L . -20.82 -6.27 -2.31
C12 PE8 L . -21.27 -7.68 -2.71
O13 PE8 L . -22.45 -7.56 -3.47
C14 PE8 L . -23.39 -8.61 -3.26
C15 PE8 L . -23.40 -9.55 -4.46
O16 PE8 L . -23.58 -10.88 -4.04
C17 PE8 L . -22.82 -11.85 -4.73
C18 PE8 L . -22.30 -12.83 -3.66
O19 PE8 L . -20.97 -12.52 -3.28
C20 PE8 L . -20.01 -13.57 -3.21
C21 PE8 L . -20.12 -14.44 -1.94
O22 PE8 L . -21.31 -14.24 -1.19
C23 PE8 L . -21.99 -15.35 -0.68
C24 PE8 L . -21.16 -16.05 0.39
O25 PE8 L . -21.14 -15.42 1.64
N1A COA M . -3.57 -10.47 24.53
C2A COA M . -3.31 -10.23 25.78
N3A COA M . -3.57 -9.10 26.34
C4A COA M . -4.10 -8.11 25.66
C5A COA M . -4.40 -8.31 24.35
C6A COA M . -4.12 -9.56 23.79
N6A COA M . -4.42 -9.85 22.43
N7A COA M . -4.93 -7.21 23.93
C8A COA M . -4.95 -6.35 24.89
N9A COA M . -4.43 -6.87 25.95
C1B COA M . -4.35 -6.25 27.27
C2B COA M . -3.68 -4.92 27.11
O2B COA M . -2.35 -4.90 27.63
C3B COA M . -4.54 -3.92 27.80
O3B COA M . -4.09 -3.27 28.92
P3B COA M . -3.32 -1.85 28.76
O7A COA M . -2.37 -1.64 29.88
O8A COA M . -2.58 -1.77 27.50
O9A COA M . -4.32 -0.76 28.84
C4B COA M . -5.84 -4.69 27.99
O4B COA M . -5.57 -6.13 27.66
C5B COA M . -6.99 -4.21 27.11
O5B COA M . -6.58 -3.87 25.85
P1A COA M . -7.62 -3.58 24.67
O1A COA M . -6.85 -3.11 23.57
O2A COA M . -8.56 -2.57 25.02
O3A COA M . -8.34 -4.95 24.35
P2A COA M . -9.30 -5.31 23.17
O4A COA M . -9.75 -4.18 22.51
O5A COA M . -10.38 -6.03 23.74
O6A COA M . -8.51 -6.26 22.16
CBP COA M . -8.65 -8.29 21.02
CCP COA M . -8.53 -7.60 22.36
CDP COA M . -8.45 -9.77 21.25
CEP COA M . -10.01 -8.04 20.44
CAP COA M . -7.61 -7.78 20.04
OAP COA M . -6.36 -8.04 20.56
C9P COA M . -7.70 -8.48 18.68
O9P COA M . -8.58 -8.27 17.98
N8P COA M . -6.70 -9.40 18.32
C7P COA M . -6.74 -10.06 17.07
C6P COA M . -6.14 -9.14 16.05
C5P COA M . -6.18 -9.65 14.64
O5P COA M . -7.13 -10.12 14.23
N4P COA M . -5.03 -9.50 13.83
C3P COA M . -5.07 -9.95 12.49
C2P COA M . -4.80 -11.42 12.52
S1P COA M . -4.79 -12.10 10.87
CL CL N . -5.15 -13.96 7.62
O1 PE8 O . 22.45 -24.18 -8.52
C2 PE8 O . 21.32 -23.68 -9.18
C3 PE8 O . 21.70 -22.48 -10.04
O4 PE8 O . 21.65 -21.30 -9.28
C5 PE8 O . 22.89 -20.78 -8.87
C6 PE8 O . 22.79 -20.18 -7.46
O7 PE8 O . 21.44 -20.05 -7.10
C8 PE8 O . 21.21 -19.43 -5.87
C9 PE8 O . 21.26 -20.49 -4.78
O10 PE8 O . 20.53 -19.99 -3.70
C11 PE8 O . 19.44 -20.79 -3.36
C12 PE8 O . 19.93 -22.21 -3.05
O13 PE8 O . 18.93 -22.91 -2.36
C14 PE8 O . 19.37 -24.00 -1.60
C15 PE8 O . 20.28 -23.50 -0.47
O16 PE8 O . 20.51 -24.55 0.43
C17 PE8 O . 21.59 -24.34 1.30
C18 PE8 O . 22.91 -24.61 0.57
O19 PE8 O . 23.99 -24.08 1.27
C20 PE8 O . 25.14 -23.93 0.49
C21 PE8 O . 25.58 -22.47 0.44
O22 PE8 O . 26.11 -22.14 -0.82
N1 EPE P . 2.33 -13.47 33.47
C2 EPE P . 3.11 -13.49 34.70
C3 EPE P . 2.57 -14.57 35.67
N4 EPE P . 1.12 -14.43 35.89
C5 EPE P . 0.42 -14.34 34.61
C6 EPE P . 0.97 -13.12 33.87
C7 EPE P . 0.45 -15.65 36.37
C8 EPE P . 1.01 -16.91 35.71
O8 EPE P . 0.66 -18.15 36.26
C9 EPE P . 2.93 -12.67 32.37
C10 EPE P . 2.32 -11.31 32.04
S EPE P . 2.32 -10.88 30.42
O1S EPE P . 1.82 -11.91 29.50
O2S EPE P . 3.64 -10.41 29.81
O3S EPE P . 1.30 -9.73 30.23
#